data_7A3T
#
_entry.id   7A3T
#
_cell.length_a   110.309
_cell.length_b   110.309
_cell.length_c   217.337
_cell.angle_alpha   90.000
_cell.angle_beta   90.000
_cell.angle_gamma   120.000
#
_symmetry.space_group_name_H-M   'P 31 2 1'
#
loop_
_entity.id
_entity.type
_entity.pdbx_description
1 polymer 'Core protein'
2 polymer 'EDE1 C8 antibody Fab fragment'
3 polymer 'EDE1 C8 antibody Fab fragment'
4 branched alpha-D-mannopyranose-(1-6)-beta-D-mannopyranose-(1-4)-2-acetamido-2-deoxy-beta-D-glucopyranose-(1-4)-[alpha-L-fucopyranose-(1-6)]2-acetamido-2-deoxy-beta-D-glucopyranose
5 non-polymer 'SULFATE ION'
6 non-polymer GLYCEROL
7 water water
#
loop_
_entity_poly.entity_id
_entity_poly.type
_entity_poly.pdbx_seq_one_letter_code
_entity_poly.pdbx_strand_id
1 'polypeptide(L)'
;MRCVGVGNRDFVEGLSGATWVDVVLEHGGCVTTMAKNKPTLDIELQKTEATQLATLRKLCIEGKITNITTDSRCPTQGEA
ILPEEQDQNYVCKHTYVDRGWGNGCGCFGKGSLVTCAKFQCLESIEGKVVQHENLKYTVIITVHTGDQHQVGNETQGVTA
EITSQASTAEAILPGYGTLGLECSPRTGLDFNEMILLTMKNKAWMVHRQWFFDLPLPWTSGATTETPTWNRRELLVTFKN
AHAKKQEVVVLGSQEGAMHTALTGATEIQTSGGTSIFAGHLKCRLKMDKLELKGMSYAMCLNTFVLKKEVCETQHGTILI
KVEYKGEDAPCKIPFSTEDGQGKAHNGRLITANPVVTKKEEPVNIEAEPPFGESNIVIGIGDKALKINWYRKGLVPRGSS
AWSHPQFEKGGSGGGSGGSAWSHPQFEK
;
A
2 'polypeptide(L)'
;EVQLVESGGGLVQPGGSLRLSCSASGFTFSTYSMHWVRQAPGKGLEYVSAITGEGDSAFYADSVKGRFTISRDNSKNTLY
FEMNSLRPEDTAVYYCVGGYSNFYYYYTMDVWGQGTTVTVSSASTKGPSVFPLAPSSKSTSGGTAALGCLVKDYFPEPVT
VSWNSGALTSGVHTFPAVLQSSGLYSLSSVVTVPSSSLGTQTYICNVNHKPSNTKVDKRVEPKSCDKTHTCPPCPLEDDD
DKAGWSHPQFEKGGGSGGGSGGGSWSHPQFEK
;
H
3 'polypeptide(L)'
;RSEIVLTQSPATLSLSPGERATLSCRASQSISTFLAWYQHKPGQAPRLLIYDASTRATGVPARFSGSRSGTDFTLTISTL
EPEDFAVYYCQQRYNWPPYTFGQGTKVEIKRTVAAPSVFIFPPSDEQLKSGTASVVCLLNNFYPREAKVQWKVDNALQSG
NSQESVTEQDSKDSTYSLSSTLTLSKADYEKHKVYACEVTHQGLSSPVTKSFNRGEC
;
L
#
loop_
_chem_comp.id
_chem_comp.type
_chem_comp.name
_chem_comp.formula
BMA D-saccharide, beta linking beta-D-mannopyranose 'C6 H12 O6'
FUC L-saccharide, alpha linking alpha-L-fucopyranose 'C6 H12 O5'
GOL non-polymer GLYCEROL 'C3 H8 O3'
MAN D-saccharide, alpha linking alpha-D-mannopyranose 'C6 H12 O6'
NAG D-saccharide, beta linking 2-acetamido-2-deoxy-beta-D-glucopyranose 'C8 H15 N O6'
SO4 non-polymer 'SULFATE ION' 'O4 S -2'
#
# COMPACT_ATOMS: atom_id res chain seq x y z
N MET A 1 -8.02 -22.78 4.63
CA MET A 1 -9.00 -21.78 4.24
C MET A 1 -8.54 -21.03 3.00
N ARG A 2 -8.20 -21.75 1.93
CA ARG A 2 -7.51 -21.13 0.82
C ARG A 2 -8.33 -21.03 -0.46
N CYS A 3 -9.58 -21.51 -0.47
CA CYS A 3 -10.34 -21.54 -1.71
C CYS A 3 -11.78 -21.07 -1.60
N VAL A 4 -12.20 -20.61 -0.42
CA VAL A 4 -13.46 -19.89 -0.34
C VAL A 4 -13.38 -18.66 -1.24
N GLY A 5 -14.51 -18.29 -1.82
CA GLY A 5 -14.58 -17.06 -2.58
C GLY A 5 -13.68 -17.02 -3.80
N VAL A 6 -13.31 -18.17 -4.34
CA VAL A 6 -12.70 -18.28 -5.66
C VAL A 6 -13.76 -18.84 -6.58
N GLY A 7 -13.88 -18.27 -7.77
CA GLY A 7 -14.84 -18.81 -8.74
C GLY A 7 -14.45 -20.21 -9.18
N ASN A 8 -13.18 -20.38 -9.53
CA ASN A 8 -12.65 -21.66 -10.00
C ASN A 8 -12.40 -22.57 -8.79
N ARG A 9 -13.46 -23.23 -8.36
CA ARG A 9 -13.40 -24.10 -7.20
C ARG A 9 -14.25 -25.33 -7.43
N ASP A 10 -13.69 -26.50 -7.12
CA ASP A 10 -14.37 -27.78 -7.34
C ASP A 10 -14.54 -28.51 -6.02
N PHE A 11 -15.70 -29.14 -5.86
CA PHE A 11 -16.01 -29.95 -4.70
C PHE A 11 -16.06 -31.40 -5.12
N VAL A 12 -15.15 -32.21 -4.59
CA VAL A 12 -15.13 -33.65 -4.84
C VAL A 12 -15.16 -34.35 -3.49
N GLU A 13 -16.02 -35.34 -3.35
CA GLU A 13 -16.27 -35.96 -2.05
C GLU A 13 -16.20 -37.48 -2.15
N GLY A 14 -15.56 -38.09 -1.16
CA GLY A 14 -15.36 -39.53 -1.15
C GLY A 14 -16.64 -40.32 -0.96
N LEU A 15 -17.08 -40.98 -2.03
CA LEU A 15 -18.30 -41.78 -2.05
C LEU A 15 -18.25 -42.88 -0.98
N SER A 16 -19.42 -43.50 -0.77
CA SER A 16 -19.55 -44.85 -0.23
C SER A 16 -18.58 -45.14 0.92
N GLY A 17 -18.36 -44.14 1.77
CA GLY A 17 -17.40 -44.27 2.85
C GLY A 17 -16.01 -44.57 2.34
N ALA A 18 -15.54 -43.78 1.37
CA ALA A 18 -14.27 -44.05 0.74
C ALA A 18 -13.12 -43.47 1.56
N THR A 19 -11.93 -43.99 1.30
CA THR A 19 -10.70 -43.51 1.89
C THR A 19 -9.83 -42.78 0.87
N TRP A 20 -10.25 -42.76 -0.39
CA TRP A 20 -9.49 -42.26 -1.51
C TRP A 20 -10.43 -41.45 -2.40
N VAL A 21 -9.88 -40.47 -3.11
CA VAL A 21 -10.72 -39.57 -3.89
C VAL A 21 -9.99 -39.10 -5.14
N ASP A 22 -10.72 -39.06 -6.25
CA ASP A 22 -10.19 -38.69 -7.57
C ASP A 22 -10.40 -37.20 -7.82
N VAL A 23 -9.32 -36.50 -8.16
CA VAL A 23 -9.37 -35.08 -8.50
C VAL A 23 -8.65 -34.88 -9.82
N VAL A 24 -9.15 -33.95 -10.60
CA VAL A 24 -8.45 -33.49 -11.80
C VAL A 24 -8.06 -32.04 -11.54
N LEU A 25 -6.79 -31.81 -11.22
CA LEU A 25 -6.29 -30.47 -11.00
C LEU A 25 -6.10 -29.79 -12.34
N GLU A 26 -6.85 -28.74 -12.59
CA GLU A 26 -6.61 -27.88 -13.74
C GLU A 26 -6.13 -26.54 -13.22
N HIS A 27 -4.90 -26.18 -13.59
CA HIS A 27 -4.25 -25.00 -13.04
C HIS A 27 -5.15 -23.79 -13.17
N GLY A 28 -4.96 -22.83 -12.25
CA GLY A 28 -5.99 -21.85 -12.01
C GLY A 28 -6.73 -22.27 -10.76
N GLY A 29 -7.86 -22.95 -10.95
CA GLY A 29 -8.72 -23.33 -9.85
C GLY A 29 -8.10 -24.33 -8.90
N CYS A 30 -8.89 -24.68 -7.89
CA CYS A 30 -8.47 -25.61 -6.86
C CYS A 30 -9.62 -26.54 -6.53
N VAL A 31 -9.29 -27.65 -5.87
CA VAL A 31 -10.24 -28.71 -5.59
C VAL A 31 -10.32 -28.88 -4.07
N THR A 32 -11.52 -28.70 -3.54
CA THR A 32 -11.80 -28.98 -2.13
C THR A 32 -12.28 -30.42 -2.02
N THR A 33 -11.58 -31.22 -1.21
CA THR A 33 -11.80 -32.66 -1.15
C THR A 33 -12.19 -33.07 0.26
N MET A 34 -13.28 -33.83 0.37
CA MET A 34 -13.76 -34.33 1.65
C MET A 34 -13.95 -35.84 1.58
N ALA A 35 -13.65 -36.50 2.70
CA ALA A 35 -13.98 -37.90 2.93
C ALA A 35 -14.38 -38.03 4.39
N LYS A 36 -15.21 -39.01 4.68
CA LYS A 36 -15.84 -39.10 6.00
C LYS A 36 -14.82 -39.42 7.07
N ASN A 37 -14.90 -38.67 8.19
CA ASN A 37 -13.93 -38.77 9.28
C ASN A 37 -12.51 -38.55 8.77
N LYS A 38 -12.34 -37.51 7.97
CA LYS A 38 -11.06 -37.09 7.42
C LYS A 38 -11.04 -35.58 7.33
N PRO A 39 -9.85 -34.97 7.32
CA PRO A 39 -9.78 -33.52 7.11
C PRO A 39 -10.09 -33.16 5.67
N THR A 40 -10.85 -32.09 5.49
CA THR A 40 -11.04 -31.52 4.16
C THR A 40 -9.76 -30.85 3.70
N LEU A 41 -9.37 -31.08 2.45
CA LEU A 41 -8.12 -30.56 1.93
C LEU A 41 -8.34 -29.78 0.66
N ASP A 42 -7.67 -28.63 0.55
CA ASP A 42 -7.63 -27.84 -0.68
C ASP A 42 -6.36 -28.21 -1.44
N ILE A 43 -6.54 -28.64 -2.68
CA ILE A 43 -5.46 -29.13 -3.53
C ILE A 43 -5.42 -28.28 -4.79
N GLU A 44 -4.24 -27.83 -5.18
CA GLU A 44 -4.16 -27.16 -6.47
C GLU A 44 -2.80 -27.39 -7.12
N LEU A 45 -2.79 -27.27 -8.44
CA LEU A 45 -1.60 -27.51 -9.27
C LEU A 45 -0.85 -26.19 -9.37
N GLN A 46 0.22 -26.05 -8.59
CA GLN A 46 0.93 -24.78 -8.50
C GLN A 46 1.47 -24.34 -9.86
N LYS A 47 2.09 -25.26 -10.59
CA LYS A 47 2.72 -24.95 -11.87
C LYS A 47 2.95 -26.25 -12.61
N THR A 48 3.24 -26.14 -13.91
CA THR A 48 3.73 -27.28 -14.67
C THR A 48 5.04 -26.88 -15.32
N GLU A 49 6.05 -27.74 -15.25
CA GLU A 49 7.38 -27.40 -15.73
C GLU A 49 7.84 -28.40 -16.79
N ALA A 50 8.44 -27.87 -17.85
CA ALA A 50 8.95 -28.66 -18.96
C ALA A 50 10.39 -28.28 -19.25
N THR A 51 11.21 -29.29 -19.53
CA THR A 51 12.60 -29.09 -19.91
C THR A 51 12.95 -30.07 -21.01
N GLN A 52 14.04 -29.79 -21.71
CA GLN A 52 14.59 -30.67 -22.75
C GLN A 52 13.52 -31.04 -23.77
N LEU A 53 13.06 -30.02 -24.48
CA LEU A 53 12.02 -30.17 -25.48
C LEU A 53 12.61 -30.42 -26.85
N ALA A 54 12.01 -31.33 -27.60
CA ALA A 54 12.46 -31.66 -28.94
C ALA A 54 12.01 -30.59 -29.92
N THR A 55 12.97 -29.95 -30.60
CA THR A 55 12.63 -29.06 -31.71
C THR A 55 12.16 -29.90 -32.88
N LEU A 56 10.97 -29.57 -33.40
CA LEU A 56 10.35 -30.31 -34.47
C LEU A 56 10.59 -29.68 -35.83
N ARG A 57 10.90 -28.38 -35.86
CA ARG A 57 11.11 -27.62 -37.08
C ARG A 57 11.65 -26.26 -36.71
N LYS A 58 12.55 -25.73 -37.53
CA LYS A 58 13.13 -24.40 -37.34
C LYS A 58 12.67 -23.51 -38.49
N LEU A 59 12.13 -22.34 -38.16
CA LEU A 59 11.68 -21.39 -39.17
C LEU A 59 12.55 -20.14 -39.11
N CYS A 60 13.00 -19.68 -40.26
CA CYS A 60 13.81 -18.46 -40.31
C CYS A 60 12.89 -17.25 -40.25
N ILE A 61 13.31 -16.23 -39.49
CA ILE A 61 12.63 -14.94 -39.51
C ILE A 61 13.51 -13.80 -39.97
N GLU A 62 14.84 -13.97 -40.01
CA GLU A 62 15.71 -12.96 -40.61
C GLU A 62 16.81 -13.65 -41.40
N GLY A 63 16.86 -13.37 -42.70
CA GLY A 63 17.81 -13.97 -43.60
C GLY A 63 18.79 -12.96 -44.19
N LYS A 64 19.66 -13.50 -45.05
CA LYS A 64 20.72 -12.71 -45.67
C LYS A 64 21.11 -13.37 -46.98
N ILE A 65 21.26 -12.57 -48.03
CA ILE A 65 21.68 -13.06 -49.33
C ILE A 65 23.06 -12.51 -49.63
N THR A 66 23.97 -13.40 -50.03
CA THR A 66 25.33 -13.03 -50.38
C THR A 66 25.71 -13.77 -51.64
N ASN A 67 26.94 -13.53 -52.11
CA ASN A 67 27.53 -14.34 -53.17
C ASN A 67 26.67 -14.28 -54.44
N ILE A 68 26.09 -13.11 -54.72
CA ILE A 68 25.12 -12.97 -55.80
C ILE A 68 25.82 -13.03 -57.15
N THR A 69 25.31 -13.88 -58.05
CA THR A 69 25.87 -13.91 -59.40
C THR A 69 24.77 -13.98 -60.45
N THR A 70 25.10 -13.44 -61.62
CA THR A 70 24.20 -13.28 -62.75
C THR A 70 24.75 -14.06 -63.93
N ASP A 71 23.85 -14.56 -64.77
CA ASP A 71 24.27 -14.99 -66.11
C ASP A 71 23.15 -14.73 -67.09
N SER A 72 23.52 -14.19 -68.25
CA SER A 72 22.57 -13.91 -69.30
C SER A 72 23.11 -14.39 -70.62
N ARG A 73 22.20 -14.79 -71.50
CA ARG A 73 22.51 -15.18 -72.85
C ARG A 73 21.72 -14.30 -73.80
N CYS A 74 21.72 -14.63 -75.08
CA CYS A 74 21.25 -13.66 -76.04
C CYS A 74 20.19 -14.20 -76.97
N PRO A 75 19.37 -13.32 -77.57
CA PRO A 75 18.05 -13.74 -78.06
C PRO A 75 18.09 -14.97 -78.95
N THR A 76 19.23 -15.25 -79.56
CA THR A 76 19.35 -16.39 -80.45
C THR A 76 19.81 -17.67 -79.76
N GLN A 77 20.47 -17.56 -78.60
CA GLN A 77 21.24 -18.66 -78.03
C GLN A 77 20.60 -19.31 -76.81
N GLY A 78 19.29 -19.18 -76.64
CA GLY A 78 18.60 -19.97 -75.63
C GLY A 78 18.77 -19.48 -74.20
N GLU A 79 18.49 -20.39 -73.27
CA GLU A 79 18.27 -20.00 -71.88
C GLU A 79 19.56 -20.00 -71.09
N ALA A 80 19.78 -18.93 -70.32
CA ALA A 80 20.95 -18.76 -69.48
C ALA A 80 20.95 -19.80 -68.36
N ILE A 81 22.11 -19.94 -67.71
CA ILE A 81 22.28 -21.01 -66.73
C ILE A 81 23.44 -20.67 -65.81
N LEU A 82 23.32 -21.07 -64.55
CA LEU A 82 24.33 -20.87 -63.53
C LEU A 82 24.45 -22.17 -62.73
N PRO A 83 25.67 -22.59 -62.42
CA PRO A 83 25.82 -23.79 -61.57
C PRO A 83 25.18 -23.62 -60.21
N GLU A 84 25.12 -22.38 -59.71
CA GLU A 84 24.49 -22.12 -58.43
C GLU A 84 23.01 -22.49 -58.43
N GLU A 85 22.40 -22.65 -59.62
CA GLU A 85 21.01 -23.05 -59.73
C GLU A 85 20.75 -24.44 -59.15
N GLN A 86 21.80 -25.23 -58.94
CA GLN A 86 21.66 -26.51 -58.27
C GLN A 86 22.45 -26.59 -56.97
N ASP A 87 23.30 -25.61 -56.70
CA ASP A 87 23.91 -25.50 -55.38
C ASP A 87 22.84 -25.18 -54.36
N GLN A 88 22.91 -25.81 -53.20
CA GLN A 88 21.81 -25.64 -52.26
C GLN A 88 22.01 -24.41 -51.40
N ASN A 89 20.91 -23.99 -50.77
CA ASN A 89 20.81 -22.67 -50.14
C ASN A 89 21.12 -21.57 -51.15
N TYR A 90 20.60 -21.74 -52.36
CA TYR A 90 20.68 -20.75 -53.43
C TYR A 90 19.28 -20.55 -53.98
N VAL A 91 18.87 -19.30 -54.08
CA VAL A 91 17.54 -18.93 -54.56
C VAL A 91 17.69 -18.05 -55.79
N CYS A 92 16.91 -18.33 -56.84
CA CYS A 92 17.18 -17.80 -58.17
C CYS A 92 15.91 -17.59 -58.94
N LYS A 93 15.98 -16.67 -59.89
CA LYS A 93 14.90 -16.56 -60.86
C LYS A 93 15.45 -16.20 -62.22
N HIS A 94 14.80 -16.78 -63.24
CA HIS A 94 14.99 -16.40 -64.63
C HIS A 94 14.06 -15.25 -64.96
N THR A 95 14.54 -14.34 -65.80
CA THR A 95 13.71 -13.39 -66.50
C THR A 95 14.20 -13.30 -67.93
N TYR A 96 13.61 -12.40 -68.67
CA TYR A 96 14.15 -11.97 -69.94
C TYR A 96 14.52 -10.50 -69.81
N VAL A 97 15.58 -10.13 -70.50
CA VAL A 97 16.08 -8.76 -70.48
C VAL A 97 16.31 -8.34 -71.93
N ASP A 98 16.00 -7.09 -72.23
CA ASP A 98 16.13 -6.63 -73.60
C ASP A 98 17.60 -6.59 -73.99
N ARG A 99 17.92 -7.20 -75.14
CA ARG A 99 19.28 -7.30 -75.65
C ARG A 99 19.36 -6.73 -77.06
N GLY A 100 20.50 -6.13 -77.34
CA GLY A 100 20.80 -5.62 -78.66
C GLY A 100 22.26 -5.25 -78.76
N TRP A 101 22.54 -4.35 -79.71
CA TRP A 101 23.92 -3.98 -80.02
C TRP A 101 24.59 -3.23 -78.87
N GLY A 102 23.81 -2.51 -78.07
CA GLY A 102 24.40 -1.65 -77.06
C GLY A 102 24.91 -2.38 -75.84
N ASN A 103 24.26 -3.46 -75.44
CA ASN A 103 24.74 -4.28 -74.33
C ASN A 103 25.57 -5.46 -74.79
N GLY A 104 25.71 -5.66 -76.10
CA GLY A 104 26.69 -6.60 -76.58
C GLY A 104 26.20 -7.66 -77.54
N CYS A 105 24.98 -7.62 -78.03
CA CYS A 105 24.60 -8.82 -78.75
C CYS A 105 24.39 -8.60 -80.24
N GLY A 106 24.50 -9.72 -80.97
CA GLY A 106 24.59 -9.66 -82.41
C GLY A 106 23.36 -9.07 -83.05
N CYS A 107 22.18 -9.50 -82.61
CA CYS A 107 20.92 -9.03 -83.15
C CYS A 107 20.08 -8.56 -81.96
N PHE A 108 18.80 -8.32 -82.18
CA PHE A 108 17.92 -7.72 -81.20
C PHE A 108 16.87 -8.71 -80.69
N GLY A 109 16.40 -8.47 -79.48
CA GLY A 109 15.30 -9.22 -78.93
C GLY A 109 15.44 -9.36 -77.43
N LYS A 110 14.61 -10.23 -76.86
CA LYS A 110 14.65 -10.50 -75.43
C LYS A 110 15.50 -11.73 -75.17
N GLY A 111 16.49 -11.59 -74.29
CA GLY A 111 17.44 -12.66 -74.02
C GLY A 111 17.31 -13.16 -72.59
N SER A 112 17.66 -14.43 -72.40
CA SER A 112 17.49 -15.07 -71.11
C SER A 112 18.46 -14.48 -70.09
N LEU A 113 17.98 -14.36 -68.86
CA LEU A 113 18.80 -13.89 -67.75
C LEU A 113 18.39 -14.68 -66.52
N VAL A 114 19.35 -15.01 -65.66
CA VAL A 114 19.03 -15.62 -64.38
C VAL A 114 19.94 -15.05 -63.31
N THR A 115 19.32 -14.62 -62.21
CA THR A 115 20.03 -14.16 -61.02
C THR A 115 19.90 -15.19 -59.93
N CYS A 116 21.02 -15.45 -59.24
CA CYS A 116 21.18 -16.50 -58.22
C CYS A 116 21.86 -15.93 -57.00
N ALA A 117 21.23 -16.06 -55.84
CA ALA A 117 21.82 -15.54 -54.60
C ALA A 117 21.93 -16.64 -53.55
N LYS A 118 23.00 -16.59 -52.75
CA LYS A 118 23.21 -17.58 -51.68
C LYS A 118 22.45 -17.15 -50.42
N PHE A 119 21.47 -17.96 -50.01
CA PHE A 119 20.63 -17.64 -48.86
C PHE A 119 21.22 -18.20 -47.58
N GLN A 120 21.07 -17.44 -46.49
CA GLN A 120 21.54 -17.84 -45.18
C GLN A 120 20.62 -17.21 -44.15
N CYS A 121 20.38 -17.92 -43.05
CA CYS A 121 19.48 -17.45 -42.02
C CYS A 121 20.28 -16.75 -40.92
N LEU A 122 19.88 -15.53 -40.60
CA LEU A 122 20.55 -14.76 -39.55
C LEU A 122 19.93 -15.00 -38.19
N GLU A 123 18.64 -15.28 -38.15
CA GLU A 123 17.99 -15.54 -36.87
C GLU A 123 16.68 -16.28 -37.11
N SER A 124 16.45 -17.30 -36.30
CA SER A 124 15.38 -18.26 -36.50
C SER A 124 14.57 -18.43 -35.22
N ILE A 125 13.43 -19.10 -35.37
CA ILE A 125 12.55 -19.47 -34.27
C ILE A 125 12.37 -20.98 -34.33
N GLU A 126 11.92 -21.57 -33.22
CA GLU A 126 11.77 -23.02 -33.15
C GLU A 126 10.35 -23.39 -32.78
N GLY A 127 9.86 -24.47 -33.36
CA GLY A 127 8.65 -25.08 -32.87
C GLY A 127 8.99 -26.35 -32.12
N LYS A 128 9.00 -26.29 -30.79
CA LYS A 128 9.34 -27.44 -29.96
C LYS A 128 8.06 -28.11 -29.47
N VAL A 129 8.09 -29.43 -29.38
CA VAL A 129 6.91 -30.19 -28.96
C VAL A 129 7.12 -30.70 -27.54
N VAL A 130 6.02 -30.84 -26.81
CA VAL A 130 6.03 -31.09 -25.38
C VAL A 130 5.99 -32.61 -25.14
N GLN A 131 7.08 -33.16 -24.61
CA GLN A 131 7.12 -34.57 -24.25
C GLN A 131 6.45 -34.75 -22.90
N HIS A 132 5.47 -35.66 -22.84
CA HIS A 132 4.89 -36.02 -21.55
C HIS A 132 5.93 -36.64 -20.63
N GLU A 133 7.08 -37.04 -21.18
CA GLU A 133 8.13 -37.71 -20.42
C GLU A 133 9.05 -36.75 -19.67
N ASN A 134 8.94 -35.44 -19.88
CA ASN A 134 9.74 -34.50 -19.10
C ASN A 134 8.88 -33.41 -18.46
N LEU A 135 7.59 -33.65 -18.31
CA LEU A 135 6.80 -32.76 -17.49
C LEU A 135 7.12 -32.99 -16.02
N LYS A 136 6.96 -31.95 -15.21
CA LYS A 136 7.21 -32.04 -13.77
C LYS A 136 6.16 -31.16 -13.08
N TYR A 137 5.14 -31.81 -12.53
CA TYR A 137 4.08 -31.09 -11.85
C TYR A 137 4.47 -30.87 -10.39
N THR A 138 4.02 -29.75 -9.82
CA THR A 138 4.08 -29.57 -8.38
C THR A 138 2.70 -29.19 -7.88
N VAL A 139 2.29 -29.84 -6.79
CA VAL A 139 0.96 -29.69 -6.22
C VAL A 139 1.13 -29.09 -4.84
N ILE A 140 0.29 -28.13 -4.50
CA ILE A 140 0.23 -27.60 -3.15
C ILE A 140 -1.04 -28.14 -2.48
N ILE A 141 -0.86 -28.70 -1.30
CA ILE A 141 -1.90 -29.25 -0.45
C ILE A 141 -1.94 -28.41 0.83
N THR A 142 -3.04 -27.71 1.04
CA THR A 142 -3.29 -27.03 2.31
C THR A 142 -4.55 -27.64 2.90
N VAL A 143 -4.60 -27.76 4.23
CA VAL A 143 -5.73 -28.41 4.87
C VAL A 143 -6.82 -27.38 5.12
N HIS A 144 -8.04 -27.70 4.73
CA HIS A 144 -9.15 -26.76 4.80
C HIS A 144 -9.55 -26.54 6.26
N THR A 145 -8.67 -25.89 7.01
CA THR A 145 -8.81 -25.68 8.44
C THR A 145 -9.78 -24.54 8.73
N GLY A 146 -10.00 -24.29 10.01
CA GLY A 146 -10.62 -23.06 10.46
C GLY A 146 -9.64 -22.11 11.11
N ASP A 147 -8.36 -22.43 11.00
CA ASP A 147 -7.26 -21.67 11.63
C ASP A 147 -7.42 -20.24 11.20
N GLN A 148 -6.92 -19.32 12.01
CA GLN A 148 -7.41 -17.97 11.75
C GLN A 148 -6.65 -17.25 10.65
N HIS A 149 -7.43 -16.67 9.75
CA HIS A 149 -7.15 -15.53 8.89
C HIS A 149 -8.51 -15.18 8.27
N GLN A 150 -8.65 -13.93 7.84
CA GLN A 150 -9.98 -13.47 7.44
C GLN A 150 -10.54 -14.28 6.27
N VAL A 151 -9.67 -14.76 5.40
CA VAL A 151 -9.99 -15.62 4.25
C VAL A 151 -11.28 -15.31 3.49
N GLN A 156 1.23 -23.89 6.49
CA GLN A 156 1.16 -22.93 5.40
C GLN A 156 0.89 -23.67 4.09
N GLY A 157 0.69 -24.97 4.20
CA GLY A 157 0.46 -25.80 3.03
C GLY A 157 1.74 -26.39 2.50
N VAL A 158 1.77 -27.73 2.39
CA VAL A 158 2.96 -28.45 1.95
C VAL A 158 2.80 -28.81 0.49
N THR A 159 3.91 -28.99 -0.22
CA THR A 159 3.84 -29.25 -1.65
C THR A 159 4.64 -30.50 -2.01
N ALA A 160 4.26 -31.10 -3.14
CA ALA A 160 4.78 -32.37 -3.59
C ALA A 160 4.96 -32.36 -5.10
N GLU A 161 5.96 -33.08 -5.58
CA GLU A 161 6.31 -33.10 -7.00
C GLU A 161 5.92 -34.43 -7.65
N ILE A 162 5.66 -34.36 -8.96
CA ILE A 162 5.22 -35.51 -9.75
C ILE A 162 5.99 -35.47 -11.08
N THR A 163 6.96 -36.35 -11.22
CA THR A 163 7.53 -36.62 -12.54
C THR A 163 6.68 -37.66 -13.26
N SER A 164 6.91 -37.80 -14.57
CA SER A 164 6.15 -38.78 -15.33
C SER A 164 6.54 -40.20 -14.96
N GLN A 165 7.84 -40.44 -14.74
CA GLN A 165 8.26 -41.77 -14.31
C GLN A 165 8.03 -41.99 -12.83
N ALA A 166 8.42 -41.03 -11.98
CA ALA A 166 8.20 -41.13 -10.54
C ALA A 166 6.85 -40.49 -10.22
N SER A 167 5.80 -41.26 -10.42
CA SER A 167 4.43 -40.77 -10.49
C SER A 167 3.72 -40.72 -9.14
N THR A 168 4.39 -41.06 -8.05
CA THR A 168 3.77 -41.12 -6.74
C THR A 168 4.52 -40.24 -5.76
N ALA A 169 3.81 -39.77 -4.74
CA ALA A 169 4.43 -38.88 -3.76
C ALA A 169 3.69 -38.98 -2.44
N GLU A 170 4.35 -38.47 -1.40
CA GLU A 170 3.76 -38.40 -0.06
C GLU A 170 3.88 -36.97 0.44
N ALA A 171 2.76 -36.40 0.86
CA ALA A 171 2.72 -35.08 1.47
C ALA A 171 2.51 -35.25 2.97
N ILE A 172 3.50 -34.84 3.75
CA ILE A 172 3.36 -34.79 5.20
C ILE A 172 2.54 -33.56 5.55
N LEU A 173 1.43 -33.77 6.24
CA LEU A 173 0.60 -32.68 6.72
C LEU A 173 0.76 -32.64 8.24
N PRO A 174 1.64 -31.77 8.76
CA PRO A 174 1.92 -31.75 10.21
C PRO A 174 0.66 -31.63 11.05
N GLY A 175 0.49 -32.57 11.98
CA GLY A 175 -0.66 -32.60 12.83
C GLY A 175 -1.84 -33.38 12.28
N TYR A 176 -1.81 -33.77 11.01
CA TYR A 176 -2.90 -34.52 10.41
C TYR A 176 -2.48 -35.83 9.78
N GLY A 177 -1.19 -36.03 9.50
CA GLY A 177 -0.68 -37.33 9.07
C GLY A 177 0.03 -37.22 7.74
N THR A 178 -0.15 -38.24 6.90
CA THR A 178 0.50 -38.31 5.60
C THR A 178 -0.54 -38.60 4.54
N LEU A 179 -0.70 -37.67 3.60
CA LEU A 179 -1.52 -37.92 2.42
C LEU A 179 -0.65 -38.57 1.35
N GLY A 180 -1.17 -39.62 0.72
CA GLY A 180 -0.52 -40.22 -0.43
C GLY A 180 -1.14 -39.67 -1.71
N LEU A 181 -0.30 -39.37 -2.69
CA LEU A 181 -0.72 -38.85 -3.97
C LEU A 181 -0.27 -39.81 -5.04
N GLU A 182 -1.19 -40.29 -5.86
CA GLU A 182 -0.80 -41.01 -7.07
C GLU A 182 -1.55 -40.34 -8.21
N CYS A 183 -0.83 -39.53 -8.97
CA CYS A 183 -1.37 -38.80 -10.11
C CYS A 183 -0.77 -39.37 -11.40
N SER A 184 -1.56 -39.33 -12.46
CA SER A 184 -1.17 -39.88 -13.75
C SER A 184 -0.87 -38.73 -14.69
N PRO A 185 0.39 -38.52 -15.06
CA PRO A 185 0.72 -37.35 -15.89
C PRO A 185 0.10 -37.40 -17.27
N ARG A 186 -1.21 -37.16 -17.31
CA ARG A 186 -2.00 -37.12 -18.54
C ARG A 186 -1.92 -35.73 -19.17
N ASN A 192 -2.37 -33.15 -26.63
CA ASN A 192 -2.09 -31.77 -27.00
C ASN A 192 -1.45 -31.67 -28.39
N GLU A 193 -2.26 -31.29 -29.36
CA GLU A 193 -1.83 -31.08 -30.75
C GLU A 193 -1.36 -29.65 -30.92
N MET A 194 -0.51 -29.18 -30.00
CA MET A 194 -0.07 -27.78 -29.97
C MET A 194 1.43 -27.69 -29.70
N ILE A 195 2.06 -26.65 -30.26
CA ILE A 195 3.51 -26.51 -30.24
C ILE A 195 3.91 -25.30 -29.43
N LEU A 196 5.04 -25.41 -28.75
CA LEU A 196 5.70 -24.27 -28.12
C LEU A 196 6.52 -23.57 -29.20
N LEU A 197 6.02 -22.44 -29.67
CA LEU A 197 6.76 -21.57 -30.56
C LEU A 197 7.70 -20.72 -29.72
N THR A 198 8.99 -20.96 -29.81
CA THR A 198 9.97 -20.19 -29.06
C THR A 198 10.69 -19.23 -30.01
N MET A 199 10.71 -17.96 -29.61
CA MET A 199 11.36 -16.89 -30.35
C MET A 199 12.05 -15.98 -29.34
N LYS A 200 13.37 -15.91 -29.42
CA LYS A 200 14.14 -14.81 -28.83
C LYS A 200 13.86 -14.67 -27.33
N ASN A 201 14.10 -15.76 -26.59
CA ASN A 201 13.93 -15.82 -25.14
C ASN A 201 12.50 -15.65 -24.68
N LYS A 202 11.53 -15.77 -25.58
CA LYS A 202 10.12 -15.80 -25.20
C LYS A 202 9.44 -16.93 -25.93
N ALA A 203 8.19 -17.22 -25.57
CA ALA A 203 7.56 -18.42 -26.10
C ALA A 203 6.06 -18.28 -26.06
N TRP A 204 5.39 -18.99 -26.96
CA TRP A 204 3.94 -19.00 -27.07
C TRP A 204 3.48 -20.43 -27.33
N MET A 205 2.22 -20.70 -27.06
CA MET A 205 1.61 -21.99 -27.34
C MET A 205 0.62 -21.81 -28.45
N VAL A 206 0.83 -22.52 -29.56
CA VAL A 206 0.03 -22.27 -30.77
C VAL A 206 -0.40 -23.58 -31.41
N HIS A 207 -1.59 -23.55 -32.02
CA HIS A 207 -2.04 -24.64 -32.87
C HIS A 207 -0.95 -24.98 -33.89
N ARG A 208 -0.83 -26.26 -34.21
CA ARG A 208 0.36 -26.69 -34.91
C ARG A 208 0.23 -26.67 -36.43
N GLN A 209 -0.96 -26.87 -36.99
CA GLN A 209 -1.10 -26.62 -38.42
C GLN A 209 -0.98 -25.14 -38.73
N TRP A 210 -1.39 -24.29 -37.78
CA TRP A 210 -1.14 -22.85 -37.89
C TRP A 210 0.36 -22.57 -37.95
N PHE A 211 1.14 -23.33 -37.18
CA PHE A 211 2.58 -23.19 -37.18
C PHE A 211 3.19 -23.71 -38.49
N PHE A 212 2.73 -24.88 -38.94
CA PHE A 212 3.23 -25.52 -40.14
C PHE A 212 2.88 -24.75 -41.40
N ASP A 213 1.85 -23.90 -41.35
CA ASP A 213 1.45 -23.08 -42.48
C ASP A 213 2.06 -21.70 -42.44
N LEU A 214 2.91 -21.40 -41.45
CA LEU A 214 3.56 -20.10 -41.39
C LEU A 214 4.38 -19.88 -42.65
N PRO A 215 4.19 -18.76 -43.34
CA PRO A 215 4.94 -18.51 -44.59
C PRO A 215 6.38 -18.08 -44.32
N LEU A 216 7.19 -19.03 -43.84
CA LEU A 216 8.58 -18.76 -43.51
C LEU A 216 9.46 -19.92 -43.96
N PRO A 217 10.71 -19.65 -44.29
CA PRO A 217 11.65 -20.73 -44.63
C PRO A 217 11.88 -21.64 -43.44
N TRP A 218 11.98 -22.93 -43.71
CA TRP A 218 12.02 -23.92 -42.63
C TRP A 218 13.02 -25.03 -42.92
N THR A 219 13.82 -25.34 -41.90
CA THR A 219 14.65 -26.54 -41.85
C THR A 219 14.14 -27.44 -40.74
N SER A 220 14.71 -28.63 -40.63
CA SER A 220 14.26 -29.56 -39.61
C SER A 220 15.09 -29.40 -38.33
N GLY A 221 14.69 -30.12 -37.29
CA GLY A 221 15.20 -29.92 -35.94
C GLY A 221 16.65 -30.31 -35.72
N ALA A 222 17.25 -31.03 -36.68
CA ALA A 222 18.63 -31.49 -36.49
C ALA A 222 19.58 -30.33 -36.24
N THR A 223 20.65 -30.61 -35.50
CA THR A 223 21.55 -29.61 -34.95
C THR A 223 22.65 -29.17 -35.94
N THR A 224 22.65 -29.63 -37.20
CA THR A 224 23.72 -29.23 -38.10
C THR A 224 23.68 -27.72 -38.33
N GLU A 225 24.86 -27.08 -38.17
CA GLU A 225 25.00 -25.64 -38.32
C GLU A 225 24.91 -25.17 -39.77
N THR A 226 24.81 -26.10 -40.72
CA THR A 226 24.64 -25.78 -42.13
C THR A 226 23.42 -26.54 -42.64
N PRO A 227 22.22 -26.02 -42.38
CA PRO A 227 21.01 -26.68 -42.87
C PRO A 227 20.55 -26.11 -44.20
N THR A 228 19.73 -26.87 -44.93
CA THR A 228 19.11 -26.37 -46.15
C THR A 228 17.72 -25.84 -45.82
N TRP A 229 17.44 -24.60 -46.22
CA TRP A 229 16.22 -23.91 -45.87
C TRP A 229 15.18 -24.14 -46.96
N ASN A 230 14.12 -24.86 -46.63
CA ASN A 230 13.02 -25.03 -47.56
C ASN A 230 12.23 -23.73 -47.69
N ARG A 231 11.80 -23.45 -48.92
CA ARG A 231 11.07 -22.23 -49.24
C ARG A 231 11.83 -20.98 -48.80
N ARG A 232 13.13 -20.97 -49.12
CA ARG A 232 13.95 -19.77 -48.98
C ARG A 232 13.31 -18.58 -49.67
N GLU A 233 12.73 -18.84 -50.84
CA GLU A 233 12.15 -17.86 -51.75
C GLU A 233 11.36 -16.79 -51.02
N LEU A 234 10.72 -17.17 -49.91
CA LEU A 234 9.79 -16.29 -49.22
C LEU A 234 10.47 -15.08 -48.59
N LEU A 235 11.78 -15.13 -48.34
CA LEU A 235 12.49 -13.98 -47.80
C LEU A 235 13.33 -13.26 -48.84
N VAL A 236 13.13 -13.58 -50.12
CA VAL A 236 13.90 -12.99 -51.22
C VAL A 236 12.92 -12.49 -52.26
N THR A 237 13.09 -11.25 -52.71
CA THR A 237 12.27 -10.69 -53.76
C THR A 237 13.16 -10.30 -54.94
N PHE A 238 12.71 -10.69 -56.14
CA PHE A 238 13.33 -10.36 -57.40
C PHE A 238 12.48 -9.31 -58.10
N LYS A 239 13.12 -8.28 -58.63
CA LYS A 239 12.44 -7.18 -59.30
C LYS A 239 13.14 -6.92 -60.62
N ASN A 240 12.41 -7.12 -61.73
CA ASN A 240 12.86 -6.76 -63.07
C ASN A 240 11.75 -5.89 -63.65
N ALA A 241 11.83 -4.59 -63.37
CA ALA A 241 10.72 -3.69 -63.68
C ALA A 241 10.68 -3.33 -65.16
N HIS A 242 11.78 -2.77 -65.68
CA HIS A 242 11.80 -2.22 -67.02
C HIS A 242 12.62 -3.07 -67.99
N ALA A 243 12.89 -4.33 -67.66
CA ALA A 243 13.58 -5.27 -68.54
C ALA A 243 14.99 -4.81 -68.88
N LYS A 244 15.63 -4.09 -67.94
CA LYS A 244 17.01 -3.64 -68.13
C LYS A 244 17.98 -4.31 -67.18
N LYS A 245 17.48 -5.03 -66.18
CA LYS A 245 18.24 -5.52 -65.04
C LYS A 245 17.28 -6.34 -64.19
N GLN A 246 17.85 -7.16 -63.30
CA GLN A 246 17.04 -7.85 -62.31
C GLN A 246 17.75 -7.78 -60.97
N GLU A 247 17.06 -7.28 -59.96
CA GLU A 247 17.63 -7.08 -58.63
C GLU A 247 17.02 -8.06 -57.65
N VAL A 248 17.85 -8.53 -56.71
CA VAL A 248 17.42 -9.40 -55.63
C VAL A 248 17.72 -8.71 -54.31
N VAL A 249 16.76 -8.75 -53.39
CA VAL A 249 17.01 -8.26 -52.03
C VAL A 249 16.27 -9.16 -51.05
N VAL A 250 16.80 -9.24 -49.82
CA VAL A 250 16.24 -10.07 -48.76
C VAL A 250 15.33 -9.23 -47.88
N LEU A 251 14.32 -9.87 -47.29
CA LEU A 251 13.14 -9.16 -46.80
C LEU A 251 13.34 -8.40 -45.50
N GLY A 252 14.37 -8.70 -44.71
CA GLY A 252 14.46 -8.09 -43.41
C GLY A 252 13.51 -8.74 -42.41
N SER A 253 13.85 -8.65 -41.12
CA SER A 253 13.32 -9.60 -40.13
C SER A 253 11.80 -9.62 -40.07
N GLN A 254 11.25 -10.81 -39.85
CA GLN A 254 9.83 -11.03 -39.65
C GLN A 254 9.43 -11.04 -38.18
N GLU A 255 10.32 -10.57 -37.30
CA GLU A 255 10.02 -10.60 -35.87
C GLU A 255 8.76 -9.81 -35.56
N GLY A 256 8.65 -8.60 -36.13
CA GLY A 256 7.47 -7.80 -35.88
C GLY A 256 6.20 -8.45 -36.39
N ALA A 257 6.24 -8.99 -37.61
CA ALA A 257 5.08 -9.66 -38.18
C ALA A 257 4.65 -10.83 -37.30
N MET A 258 5.61 -11.63 -36.85
CA MET A 258 5.30 -12.75 -35.97
C MET A 258 4.64 -12.26 -34.68
N HIS A 259 5.26 -11.27 -34.03
CA HIS A 259 4.69 -10.73 -32.79
C HIS A 259 3.25 -10.32 -32.99
N THR A 260 2.98 -9.58 -34.08
CA THR A 260 1.60 -9.17 -34.36
C THR A 260 0.70 -10.41 -34.55
N ALA A 261 1.22 -11.44 -35.21
CA ALA A 261 0.46 -12.68 -35.42
C ALA A 261 0.35 -13.53 -34.16
N LEU A 262 1.01 -13.15 -33.06
CA LEU A 262 1.02 -13.92 -31.83
C LEU A 262 0.31 -13.21 -30.68
N THR A 263 -0.38 -12.11 -30.96
CA THR A 263 -1.08 -11.40 -29.88
C THR A 263 -2.12 -12.30 -29.23
N GLY A 264 -2.87 -13.06 -30.03
CA GLY A 264 -3.87 -13.96 -29.48
C GLY A 264 -3.30 -15.21 -28.85
N ALA A 265 -2.08 -15.59 -29.19
CA ALA A 265 -1.50 -16.80 -28.64
C ALA A 265 -1.24 -16.67 -27.15
N THR A 266 -1.29 -17.81 -26.46
CA THR A 266 -0.93 -17.84 -25.04
C THR A 266 0.57 -17.67 -24.88
N GLU A 267 0.99 -16.66 -24.12
CA GLU A 267 2.41 -16.49 -23.86
C GLU A 267 2.84 -17.42 -22.73
N ILE A 268 4.06 -17.91 -22.83
CA ILE A 268 4.59 -18.99 -22.01
C ILE A 268 5.88 -18.47 -21.42
N GLN A 269 6.07 -18.72 -20.14
CA GLN A 269 7.30 -18.28 -19.50
C GLN A 269 8.42 -19.28 -19.77
N THR A 270 9.54 -18.77 -20.25
CA THR A 270 10.76 -19.55 -20.41
C THR A 270 11.91 -18.78 -19.77
N SER A 271 12.67 -19.45 -18.92
CA SER A 271 13.89 -18.85 -18.37
C SER A 271 14.90 -19.99 -18.13
N GLY A 272 15.78 -20.24 -19.11
CA GLY A 272 16.82 -21.22 -18.94
C GLY A 272 16.48 -22.64 -19.35
N GLY A 273 15.78 -22.77 -20.48
CA GLY A 273 15.37 -24.05 -20.98
C GLY A 273 14.14 -24.58 -20.27
N THR A 274 13.90 -24.15 -19.04
CA THR A 274 12.68 -24.53 -18.34
C THR A 274 11.54 -23.61 -18.78
N SER A 275 10.38 -24.20 -19.05
CA SER A 275 9.20 -23.45 -19.43
C SER A 275 8.00 -23.89 -18.59
N ILE A 276 7.13 -22.93 -18.27
CA ILE A 276 6.06 -23.14 -17.31
C ILE A 276 4.73 -23.13 -18.03
N PHE A 277 3.91 -24.12 -17.75
CA PHE A 277 2.61 -24.33 -18.34
C PHE A 277 1.52 -24.32 -17.28
N ALA A 278 0.35 -23.85 -17.69
CA ALA A 278 -0.90 -24.18 -17.02
C ALA A 278 -1.32 -25.54 -17.56
N GLY A 279 -1.05 -26.58 -16.77
CA GLY A 279 -1.34 -27.95 -17.16
C GLY A 279 -2.57 -28.49 -16.46
N HIS A 280 -3.01 -29.65 -16.94
CA HIS A 280 -4.12 -30.38 -16.35
C HIS A 280 -3.62 -31.75 -15.94
N LEU A 281 -3.67 -32.05 -14.65
CA LEU A 281 -3.13 -33.27 -14.08
C LEU A 281 -4.25 -34.06 -13.42
N LYS A 282 -4.53 -35.25 -13.94
CA LYS A 282 -5.42 -36.20 -13.28
C LYS A 282 -4.66 -36.86 -12.13
N CYS A 283 -5.35 -37.11 -11.02
CA CYS A 283 -4.63 -37.50 -9.82
C CYS A 283 -5.63 -38.04 -8.82
N ARG A 284 -5.14 -38.82 -7.86
CA ARG A 284 -6.04 -39.05 -6.74
C ARG A 284 -5.29 -39.40 -5.45
N LEU A 285 -5.98 -39.10 -4.35
CA LEU A 285 -5.38 -38.96 -3.03
C LEU A 285 -5.89 -40.07 -2.13
N LYS A 286 -4.97 -40.70 -1.42
CA LYS A 286 -5.29 -41.70 -0.40
C LYS A 286 -4.98 -41.11 0.96
N MET A 287 -5.98 -41.08 1.82
CA MET A 287 -5.90 -40.43 3.12
C MET A 287 -5.89 -41.46 4.26
N ASP A 288 -5.42 -42.67 3.97
CA ASP A 288 -5.45 -43.76 4.93
C ASP A 288 -4.73 -43.39 6.24
N LYS A 289 -3.69 -42.56 6.16
CA LYS A 289 -3.04 -42.03 7.35
C LYS A 289 -3.30 -40.52 7.39
N LEU A 290 -4.55 -40.13 7.21
CA LEU A 290 -5.00 -38.79 7.55
C LEU A 290 -6.17 -38.93 8.50
N GLU A 291 -6.01 -38.47 9.74
CA GLU A 291 -7.10 -38.49 10.69
C GLU A 291 -7.06 -37.21 11.50
N LEU A 292 -8.25 -36.74 11.87
CA LEU A 292 -8.49 -35.34 12.19
C LEU A 292 -7.82 -34.94 13.50
N LYS A 293 -7.60 -33.64 13.64
CA LYS A 293 -7.11 -33.05 14.88
C LYS A 293 -8.29 -32.73 15.79
N GLY A 294 -8.12 -33.04 17.08
CA GLY A 294 -9.08 -32.60 18.07
C GLY A 294 -10.32 -33.46 18.21
N MET A 295 -10.20 -34.76 17.98
CA MET A 295 -11.31 -35.65 18.33
C MET A 295 -11.31 -35.99 19.81
N SER A 296 -10.18 -35.78 20.50
CA SER A 296 -10.14 -35.98 21.94
C SER A 296 -11.04 -35.01 22.68
N TYR A 297 -11.31 -33.85 22.07
CA TYR A 297 -11.86 -32.73 22.81
C TYR A 297 -13.35 -32.93 23.11
N ALA A 298 -13.81 -32.25 24.15
CA ALA A 298 -15.20 -32.32 24.53
C ALA A 298 -16.03 -31.32 23.73
N MET A 299 -17.34 -31.41 23.88
CA MET A 299 -18.22 -30.40 23.31
C MET A 299 -18.01 -29.07 24.02
N CYS A 300 -18.58 -28.01 23.46
CA CYS A 300 -18.35 -26.66 23.92
C CYS A 300 -19.58 -26.13 24.65
N LEU A 301 -19.40 -25.79 25.93
CA LEU A 301 -20.54 -25.55 26.81
C LEU A 301 -21.02 -24.10 26.82
N ASN A 302 -20.18 -23.13 26.46
CA ASN A 302 -20.60 -21.74 26.50
C ASN A 302 -21.34 -21.38 25.21
N THR A 303 -21.54 -20.09 24.99
CA THR A 303 -22.26 -19.55 23.85
C THR A 303 -21.28 -19.06 22.79
N PHE A 304 -21.80 -18.90 21.58
CA PHE A 304 -21.04 -18.42 20.43
C PHE A 304 -21.73 -17.18 19.87
N VAL A 305 -20.94 -16.20 19.44
CA VAL A 305 -21.53 -15.07 18.71
C VAL A 305 -20.63 -14.72 17.53
N LEU A 306 -21.25 -14.32 16.43
CA LEU A 306 -20.56 -14.14 15.16
C LEU A 306 -19.82 -12.81 15.13
N LYS A 307 -18.59 -12.83 14.61
CA LYS A 307 -17.82 -11.61 14.47
C LYS A 307 -18.26 -10.79 13.26
N LYS A 308 -18.65 -11.46 12.18
CA LYS A 308 -19.10 -10.80 10.96
C LYS A 308 -20.49 -11.30 10.60
N GLU A 309 -21.00 -10.78 9.49
CA GLU A 309 -22.19 -11.33 8.89
C GLU A 309 -21.83 -12.61 8.15
N VAL A 310 -22.69 -13.63 8.28
CA VAL A 310 -22.47 -14.86 7.52
C VAL A 310 -22.59 -14.56 6.04
N CYS A 311 -21.72 -15.17 5.23
CA CYS A 311 -21.58 -14.81 3.82
C CYS A 311 -21.72 -16.05 2.94
N GLU A 312 -22.56 -15.94 1.92
CA GLU A 312 -22.65 -17.00 0.93
C GLU A 312 -21.47 -16.91 -0.03
N THR A 313 -20.85 -18.06 -0.30
CA THR A 313 -19.80 -18.15 -1.29
C THR A 313 -20.42 -18.32 -2.67
N GLN A 314 -19.55 -18.34 -3.70
CA GLN A 314 -20.06 -18.42 -5.07
C GLN A 314 -20.67 -19.78 -5.39
N HIS A 315 -20.37 -20.82 -4.61
CA HIS A 315 -20.83 -22.17 -4.89
C HIS A 315 -21.94 -22.64 -3.95
N GLY A 316 -22.51 -21.73 -3.15
CA GLY A 316 -23.67 -22.03 -2.34
C GLY A 316 -23.37 -22.29 -0.88
N THR A 317 -22.13 -22.63 -0.54
CA THR A 317 -21.76 -22.78 0.85
C THR A 317 -21.76 -21.43 1.56
N ILE A 318 -21.96 -21.46 2.87
CA ILE A 318 -21.95 -20.25 3.69
C ILE A 318 -20.70 -20.28 4.56
N LEU A 319 -20.12 -19.09 4.76
CA LEU A 319 -18.92 -18.92 5.56
C LEU A 319 -19.27 -18.13 6.82
N ILE A 320 -18.87 -18.67 7.98
CA ILE A 320 -19.27 -18.14 9.27
C ILE A 320 -18.04 -17.94 10.14
N LYS A 321 -17.86 -16.72 10.64
CA LYS A 321 -16.80 -16.40 11.58
C LYS A 321 -17.43 -16.24 12.96
N VAL A 322 -17.01 -17.06 13.93
CA VAL A 322 -17.59 -16.97 15.26
C VAL A 322 -16.50 -16.79 16.31
N GLU A 323 -16.85 -16.05 17.37
CA GLU A 323 -16.04 -15.95 18.57
C GLU A 323 -16.74 -16.70 19.69
N TYR A 324 -15.92 -17.48 20.41
CA TYR A 324 -16.33 -18.24 21.59
C TYR A 324 -15.79 -17.52 22.82
N LYS A 325 -16.67 -17.22 23.78
CA LYS A 325 -16.26 -16.51 24.97
C LYS A 325 -16.48 -17.35 26.23
N GLY A 326 -16.15 -18.63 26.11
CA GLY A 326 -16.06 -19.52 27.25
C GLY A 326 -14.64 -19.84 27.64
N GLU A 327 -14.52 -20.85 28.50
CA GLU A 327 -13.23 -21.19 29.10
C GLU A 327 -12.84 -22.65 28.99
N ASP A 328 -13.72 -23.51 28.41
CA ASP A 328 -13.34 -24.91 28.15
C ASP A 328 -12.27 -24.57 27.18
N ALA A 329 -11.08 -25.04 27.37
CA ALA A 329 -10.05 -24.39 26.58
C ALA A 329 -10.03 -24.79 25.10
N PRO A 330 -9.65 -26.03 24.67
CA PRO A 330 -10.10 -26.46 23.34
C PRO A 330 -11.36 -27.32 23.44
N CYS A 331 -12.30 -27.11 22.51
CA CYS A 331 -13.60 -27.75 22.56
C CYS A 331 -14.13 -27.94 21.16
N LYS A 332 -14.81 -29.06 20.92
CA LYS A 332 -15.53 -29.23 19.67
C LYS A 332 -16.69 -28.26 19.62
N ILE A 333 -16.97 -27.72 18.44
CA ILE A 333 -18.00 -26.71 18.25
C ILE A 333 -19.30 -27.42 17.91
N PRO A 334 -20.31 -27.36 18.78
CA PRO A 334 -21.63 -27.90 18.41
C PRO A 334 -22.14 -27.22 17.15
N PHE A 335 -22.76 -28.01 16.27
CA PHE A 335 -23.22 -27.48 14.99
C PHE A 335 -24.32 -28.39 14.44
N SER A 336 -25.47 -27.80 14.11
CA SER A 336 -26.47 -28.53 13.34
C SER A 336 -27.33 -27.54 12.58
N THR A 337 -28.13 -28.07 11.65
CA THR A 337 -29.09 -27.28 10.88
C THR A 337 -30.51 -27.77 11.16
N GLU A 338 -31.50 -27.00 10.72
CA GLU A 338 -32.89 -27.35 10.95
C GLU A 338 -33.75 -26.92 9.78
N ASP A 339 -34.86 -27.64 9.62
CA ASP A 339 -35.90 -27.45 8.61
C ASP A 339 -36.68 -26.14 8.79
N LYS A 343 -37.06 -28.88 14.01
CA LYS A 343 -36.93 -29.93 12.99
C LYS A 343 -35.47 -30.22 12.72
N ALA A 344 -34.86 -31.01 13.61
CA ALA A 344 -33.42 -31.15 13.67
C ALA A 344 -32.87 -31.89 12.46
N HIS A 345 -31.71 -31.46 11.99
CA HIS A 345 -30.98 -32.08 10.90
C HIS A 345 -29.49 -31.84 11.17
N ASN A 346 -28.63 -32.83 10.92
CA ASN A 346 -27.23 -32.66 11.28
C ASN A 346 -26.44 -32.13 10.09
N GLY A 347 -25.62 -31.10 10.35
CA GLY A 347 -25.12 -30.27 9.28
C GLY A 347 -24.01 -30.88 8.46
N ARG A 348 -23.82 -30.30 7.28
CA ARG A 348 -22.78 -30.70 6.34
C ARG A 348 -21.65 -29.69 6.42
N LEU A 349 -20.57 -30.07 7.09
CA LEU A 349 -19.45 -29.17 7.37
C LEU A 349 -18.33 -29.43 6.38
N ILE A 350 -17.99 -28.42 5.59
CA ILE A 350 -16.81 -28.53 4.74
C ILE A 350 -15.55 -28.33 5.56
N THR A 351 -15.57 -27.40 6.52
CA THR A 351 -14.50 -27.34 7.52
C THR A 351 -14.77 -28.46 8.52
N ALA A 352 -14.17 -29.62 8.26
CA ALA A 352 -14.43 -30.81 9.05
C ALA A 352 -13.98 -30.61 10.50
N ASN A 353 -14.82 -31.09 11.43
CA ASN A 353 -14.56 -31.08 12.87
C ASN A 353 -14.08 -29.71 13.36
N PRO A 354 -14.95 -28.70 13.38
CA PRO A 354 -14.53 -27.40 13.91
C PRO A 354 -14.29 -27.51 15.40
N VAL A 355 -13.20 -26.87 15.84
CA VAL A 355 -12.84 -26.86 17.25
C VAL A 355 -12.28 -25.49 17.59
N VAL A 356 -12.67 -24.97 18.75
CA VAL A 356 -12.16 -23.70 19.24
C VAL A 356 -10.83 -23.97 19.94
N THR A 357 -9.73 -23.47 19.36
CA THR A 357 -8.44 -23.67 20.01
C THR A 357 -8.25 -22.68 21.16
N LYS A 358 -8.63 -21.42 20.97
CA LYS A 358 -8.44 -20.41 22.02
C LYS A 358 -9.61 -19.44 22.02
N LYS A 359 -9.99 -18.98 23.21
CA LYS A 359 -11.15 -18.12 23.36
C LYS A 359 -10.99 -16.77 22.68
N GLU A 360 -9.77 -16.23 22.57
CA GLU A 360 -9.62 -14.97 21.84
C GLU A 360 -9.83 -15.18 20.34
N GLU A 361 -9.00 -16.03 19.69
CA GLU A 361 -9.05 -16.18 18.25
C GLU A 361 -10.40 -16.71 17.82
N PRO A 362 -11.06 -16.07 16.87
CA PRO A 362 -12.29 -16.62 16.31
C PRO A 362 -11.95 -17.77 15.37
N VAL A 363 -13.00 -18.46 14.91
CA VAL A 363 -12.80 -19.55 13.97
C VAL A 363 -13.73 -19.36 12.78
N ASN A 364 -13.29 -19.87 11.64
CA ASN A 364 -14.08 -19.90 10.43
C ASN A 364 -14.69 -21.27 10.25
N ILE A 365 -15.93 -21.30 9.77
CA ILE A 365 -16.69 -22.50 9.56
C ILE A 365 -17.35 -22.37 8.20
N GLU A 366 -16.98 -23.25 7.28
CA GLU A 366 -17.68 -23.34 6.00
C GLU A 366 -18.68 -24.48 6.08
N ALA A 367 -19.93 -24.20 5.72
CA ALA A 367 -20.95 -25.23 5.80
C ALA A 367 -21.85 -25.16 4.58
N GLU A 368 -22.29 -26.33 4.13
CA GLU A 368 -23.25 -26.38 3.03
C GLU A 368 -24.65 -26.52 3.62
N PRO A 369 -25.49 -25.49 3.54
CA PRO A 369 -26.84 -25.60 4.06
C PRO A 369 -27.76 -26.23 3.03
N PRO A 370 -28.90 -26.77 3.45
CA PRO A 370 -29.86 -27.29 2.48
C PRO A 370 -30.45 -26.16 1.65
N PHE A 371 -31.08 -26.55 0.55
CA PHE A 371 -31.82 -25.58 -0.25
C PHE A 371 -33.06 -25.11 0.51
N GLY A 372 -33.48 -23.88 0.23
CA GLY A 372 -34.62 -23.34 0.93
C GLY A 372 -34.21 -22.74 2.26
N GLU A 373 -35.20 -22.57 3.15
CA GLU A 373 -34.94 -21.99 4.46
C GLU A 373 -34.41 -23.05 5.41
N SER A 374 -33.41 -22.67 6.18
CA SER A 374 -32.69 -23.55 7.08
C SER A 374 -32.26 -22.71 8.26
N ASN A 375 -32.07 -23.35 9.41
CA ASN A 375 -31.63 -22.64 10.60
C ASN A 375 -30.38 -23.30 11.15
N ILE A 376 -29.28 -22.58 11.15
CA ILE A 376 -28.00 -23.11 11.61
C ILE A 376 -27.83 -22.73 13.07
N VAL A 377 -27.75 -23.72 13.97
CA VAL A 377 -27.51 -23.41 15.37
C VAL A 377 -26.16 -23.98 15.79
N ILE A 378 -25.37 -23.11 16.44
CA ILE A 378 -24.00 -23.34 16.84
C ILE A 378 -23.92 -23.17 18.35
N GLY A 379 -23.15 -24.03 18.99
CA GLY A 379 -23.13 -24.11 20.44
C GLY A 379 -24.25 -25.00 20.94
N ILE A 380 -24.30 -25.17 22.26
CA ILE A 380 -25.34 -25.97 22.87
C ILE A 380 -26.05 -25.12 23.92
N GLY A 381 -27.31 -25.44 24.16
CA GLY A 381 -28.14 -24.64 25.04
C GLY A 381 -29.33 -24.06 24.30
N ASP A 382 -30.01 -23.09 24.90
CA ASP A 382 -31.14 -22.44 24.28
C ASP A 382 -30.92 -20.97 23.97
N LYS A 383 -29.86 -20.36 24.51
CA LYS A 383 -29.36 -19.09 24.03
C LYS A 383 -28.15 -19.26 23.10
N ALA A 384 -27.94 -20.48 22.61
CA ALA A 384 -26.90 -20.74 21.63
C ALA A 384 -27.20 -19.97 20.35
N LEU A 385 -26.20 -19.90 19.48
CA LEU A 385 -26.31 -19.08 18.27
C LEU A 385 -27.25 -19.74 17.27
N LYS A 386 -28.20 -18.97 16.75
CA LYS A 386 -29.10 -19.43 15.70
C LYS A 386 -29.08 -18.44 14.55
N ILE A 387 -28.83 -18.95 13.34
CA ILE A 387 -28.71 -18.15 12.14
C ILE A 387 -29.77 -18.63 11.17
N ASN A 388 -30.78 -17.80 10.92
CA ASN A 388 -31.70 -18.07 9.83
C ASN A 388 -30.97 -17.88 8.51
N TRP A 389 -31.26 -18.77 7.55
CA TRP A 389 -30.61 -18.72 6.25
C TRP A 389 -31.57 -19.25 5.21
N TYR A 390 -31.48 -18.73 3.99
CA TYR A 390 -32.25 -19.23 2.87
C TYR A 390 -31.33 -19.39 1.68
N ARG A 391 -31.12 -20.63 1.27
CA ARG A 391 -30.27 -20.91 0.11
C ARG A 391 -31.13 -21.00 -1.15
N LYS A 392 -30.77 -20.20 -2.14
CA LYS A 392 -31.42 -20.23 -3.43
C LYS A 392 -30.57 -20.99 -4.43
N GLY A 393 -31.22 -21.62 -5.40
CA GLY A 393 -30.53 -22.12 -6.57
C GLY A 393 -31.29 -21.80 -7.83
N LEU A 394 -30.71 -20.94 -8.68
CA LEU A 394 -31.41 -20.48 -9.86
C LEU A 394 -30.69 -20.78 -11.17
N VAL A 395 -29.37 -20.97 -11.16
CA VAL A 395 -28.61 -21.18 -12.39
C VAL A 395 -27.52 -22.22 -12.14
N PRO A 396 -27.32 -23.17 -13.08
CA PRO A 396 -26.24 -24.17 -13.07
C PRO A 396 -24.86 -23.58 -13.29
N GLU B 1 14.76 -5.15 10.79
CA GLU B 1 13.31 -5.31 10.66
C GLU B 1 12.78 -4.62 9.41
N VAL B 2 11.46 -4.73 9.23
CA VAL B 2 10.75 -4.02 8.17
C VAL B 2 10.83 -2.52 8.44
N GLN B 3 11.44 -1.78 7.52
CA GLN B 3 11.44 -0.33 7.75
C GLN B 3 11.66 0.46 6.47
N LEU B 4 11.03 1.63 6.42
CA LEU B 4 11.20 2.62 5.37
C LEU B 4 11.78 3.90 5.96
N VAL B 5 12.65 4.55 5.21
CA VAL B 5 13.23 5.82 5.65
C VAL B 5 13.16 6.81 4.49
N GLU B 6 12.63 8.01 4.76
CA GLU B 6 12.35 8.98 3.72
C GLU B 6 13.37 10.11 3.72
N SER B 7 13.46 10.78 2.57
CA SER B 7 14.27 11.97 2.41
C SER B 7 13.67 12.81 1.28
N GLY B 8 14.11 14.06 1.19
CA GLY B 8 13.71 14.94 0.12
C GLY B 8 12.82 16.10 0.50
N GLY B 9 12.61 16.36 1.78
CA GLY B 9 11.81 17.48 2.20
C GLY B 9 12.53 18.80 2.01
N GLY B 10 11.83 19.88 2.33
CA GLY B 10 12.47 21.18 2.33
C GLY B 10 11.52 22.28 1.88
N LEU B 11 12.12 23.40 1.49
CA LEU B 11 11.40 24.62 1.11
C LEU B 11 11.23 24.69 -0.40
N VAL B 12 10.02 25.01 -0.84
CA VAL B 12 9.67 25.13 -2.24
C VAL B 12 8.94 26.45 -2.44
N GLN B 13 9.21 27.12 -3.54
CA GLN B 13 8.38 28.27 -3.83
C GLN B 13 7.06 27.80 -4.45
N PRO B 14 5.99 28.59 -4.29
CA PRO B 14 4.71 28.20 -4.88
C PRO B 14 4.84 27.98 -6.38
N GLY B 15 4.08 27.01 -6.89
CA GLY B 15 4.22 26.58 -8.27
C GLY B 15 5.48 25.79 -8.56
N GLY B 16 6.41 25.71 -7.61
CA GLY B 16 7.62 24.94 -7.80
C GLY B 16 7.36 23.45 -7.74
N SER B 17 8.45 22.70 -7.71
CA SER B 17 8.38 21.25 -7.73
C SER B 17 9.45 20.66 -6.81
N LEU B 18 9.15 19.48 -6.27
CA LEU B 18 10.05 18.76 -5.41
C LEU B 18 9.74 17.27 -5.55
N ARG B 19 10.75 16.43 -5.39
CA ARG B 19 10.55 14.99 -5.38
C ARG B 19 10.98 14.42 -4.05
N LEU B 20 10.13 13.57 -3.48
CA LEU B 20 10.40 12.90 -2.22
C LEU B 20 10.72 11.43 -2.49
N SER B 21 11.74 10.91 -1.81
CA SER B 21 12.08 9.50 -1.91
C SER B 21 11.89 8.82 -0.56
N CYS B 22 11.65 7.52 -0.61
CA CYS B 22 11.34 6.74 0.59
C CYS B 22 11.85 5.33 0.34
N SER B 23 13.01 5.00 0.92
CA SER B 23 13.69 3.75 0.61
C SER B 23 13.37 2.67 1.62
N ALA B 24 13.30 1.43 1.14
CA ALA B 24 12.75 0.31 1.87
C ALA B 24 13.81 -0.73 2.20
N SER B 25 13.63 -1.37 3.35
CA SER B 25 14.56 -2.37 3.84
C SER B 25 13.79 -3.41 4.64
N GLY B 26 14.28 -4.65 4.58
CA GLY B 26 13.80 -5.71 5.45
C GLY B 26 12.60 -6.47 4.95
N PHE B 27 12.17 -6.25 3.72
CA PHE B 27 11.06 -7.01 3.15
C PHE B 27 11.23 -7.02 1.65
N THR B 28 10.65 -8.03 1.00
CA THR B 28 10.62 -8.05 -0.46
C THR B 28 9.74 -6.89 -0.93
N PHE B 29 10.39 -5.83 -1.42
CA PHE B 29 9.71 -4.58 -1.69
C PHE B 29 8.61 -4.77 -2.73
N SER B 30 8.85 -5.66 -3.71
CA SER B 30 7.91 -5.86 -4.81
C SER B 30 6.53 -6.28 -4.35
N THR B 31 6.43 -6.93 -3.19
CA THR B 31 5.15 -7.48 -2.74
C THR B 31 4.38 -6.53 -1.83
N TYR B 32 4.91 -5.34 -1.58
CA TYR B 32 4.24 -4.35 -0.75
C TYR B 32 3.59 -3.28 -1.64
N SER B 33 2.33 -2.97 -1.35
CA SER B 33 1.71 -1.79 -1.92
C SER B 33 2.11 -0.57 -1.10
N MET B 34 2.35 0.55 -1.79
CA MET B 34 2.86 1.78 -1.19
CA MET B 34 2.84 1.77 -1.18
C MET B 34 1.79 2.86 -1.23
N HIS B 35 1.81 3.73 -0.22
CA HIS B 35 0.83 4.80 -0.11
C HIS B 35 1.51 6.03 0.46
N TRP B 36 0.94 7.20 0.15
CA TRP B 36 1.41 8.48 0.65
C TRP B 36 0.29 9.12 1.46
N VAL B 37 0.58 9.37 2.74
CA VAL B 37 -0.31 10.00 3.70
C VAL B 37 0.36 11.29 4.15
N ARG B 38 -0.36 12.40 4.13
CA ARG B 38 0.23 13.65 4.57
C ARG B 38 -0.58 14.24 5.72
N GLN B 39 0.05 15.18 6.42
CA GLN B 39 -0.56 15.84 7.58
C GLN B 39 -0.14 17.30 7.55
N ALA B 40 -1.09 18.18 7.27
CA ALA B 40 -0.87 19.62 7.27
C ALA B 40 -0.79 20.12 8.70
N PRO B 41 -0.14 21.26 8.92
CA PRO B 41 -0.01 21.78 10.30
C PRO B 41 -1.36 21.95 10.97
N GLY B 42 -1.44 21.47 12.20
CA GLY B 42 -2.67 21.58 12.98
C GLY B 42 -3.86 20.90 12.33
N LYS B 43 -3.65 19.74 11.73
CA LYS B 43 -4.70 19.07 10.98
C LYS B 43 -4.49 17.56 11.08
N GLY B 44 -5.44 16.81 10.52
CA GLY B 44 -5.40 15.37 10.60
C GLY B 44 -4.61 14.75 9.46
N LEU B 45 -4.57 13.42 9.48
CA LEU B 45 -3.91 12.70 8.40
C LEU B 45 -4.79 12.74 7.15
N GLU B 46 -4.14 12.95 6.00
CA GLU B 46 -4.81 12.88 4.71
C GLU B 46 -4.18 11.77 3.88
N TYR B 47 -4.99 10.81 3.46
CA TYR B 47 -4.57 9.74 2.58
C TYR B 47 -4.72 10.23 1.14
N VAL B 48 -3.61 10.36 0.41
CA VAL B 48 -3.60 11.06 -0.86
C VAL B 48 -3.19 10.17 -2.03
N SER B 49 -2.19 9.32 -1.89
CA SER B 49 -1.83 8.53 -3.07
C SER B 49 -1.52 7.08 -2.72
N ALA B 50 -1.56 6.24 -3.76
CA ALA B 50 -1.29 4.81 -3.59
C ALA B 50 -0.79 4.21 -4.90
N ILE B 51 -0.03 3.13 -4.78
CA ILE B 51 0.57 2.44 -5.92
C ILE B 51 0.72 0.96 -5.58
N THR B 52 0.49 0.11 -6.57
CA THR B 52 0.52 -1.33 -6.37
C THR B 52 1.96 -1.83 -6.27
N GLY B 53 2.10 -3.09 -5.83
CA GLY B 53 3.42 -3.67 -5.66
C GLY B 53 4.26 -3.61 -6.92
N GLU B 54 3.63 -3.72 -8.07
CA GLU B 54 4.32 -3.69 -9.35
C GLU B 54 4.35 -2.32 -10.00
N GLY B 55 3.81 -1.30 -9.33
CA GLY B 55 3.77 0.03 -9.92
C GLY B 55 3.07 0.08 -11.26
N ASP B 56 2.14 -0.83 -11.51
CA ASP B 56 1.41 -0.84 -12.77
C ASP B 56 0.13 -0.01 -12.71
N SER B 57 -0.28 0.43 -11.52
CA SER B 57 -1.47 1.25 -11.39
C SER B 57 -1.36 2.13 -10.15
N ALA B 58 -1.75 3.39 -10.30
CA ALA B 58 -1.71 4.35 -9.22
C ALA B 58 -3.10 4.90 -8.95
N PHE B 59 -3.28 5.42 -7.74
CA PHE B 59 -4.47 6.13 -7.32
C PHE B 59 -4.03 7.45 -6.72
N TYR B 60 -4.70 8.53 -7.11
CA TYR B 60 -4.44 9.85 -6.54
C TYR B 60 -5.74 10.40 -5.97
N ALA B 61 -5.68 10.90 -4.74
CA ALA B 61 -6.81 11.64 -4.19
C ALA B 61 -7.06 12.87 -5.06
N ASP B 62 -8.27 13.41 -4.95
CA ASP B 62 -8.63 14.56 -5.77
C ASP B 62 -7.76 15.77 -5.44
N SER B 63 -7.24 15.85 -4.21
CA SER B 63 -6.47 17.02 -3.81
C SER B 63 -5.13 17.13 -4.54
N VAL B 64 -4.57 16.01 -4.98
CA VAL B 64 -3.25 16.01 -5.61
C VAL B 64 -3.26 15.52 -7.06
N LYS B 65 -4.40 15.07 -7.57
CA LYS B 65 -4.50 14.60 -8.95
C LYS B 65 -3.90 15.60 -9.93
N GLY B 66 -3.09 15.09 -10.85
CA GLY B 66 -2.55 15.91 -11.91
C GLY B 66 -1.41 16.82 -11.52
N ARG B 67 -1.07 16.89 -10.24
CA ARG B 67 0.11 17.62 -9.80
C ARG B 67 1.16 16.69 -9.22
N PHE B 68 0.77 15.82 -8.31
CA PHE B 68 1.67 14.83 -7.75
C PHE B 68 1.57 13.56 -8.59
N THR B 69 2.69 12.88 -8.78
CA THR B 69 2.67 11.57 -9.40
C THR B 69 3.57 10.63 -8.61
N ILE B 70 3.04 9.44 -8.33
CA ILE B 70 3.68 8.46 -7.46
C ILE B 70 4.33 7.39 -8.32
N SER B 71 5.55 6.99 -7.97
CA SER B 71 6.27 6.01 -8.77
C SER B 71 7.09 5.12 -7.87
N ARG B 72 7.70 4.12 -8.47
CA ARG B 72 8.30 3.04 -7.69
C ARG B 72 9.45 2.43 -8.51
N ASP B 73 10.64 2.41 -7.92
CA ASP B 73 11.75 1.67 -8.50
C ASP B 73 11.92 0.41 -7.66
N ASN B 74 11.43 -0.70 -8.20
CA ASN B 74 11.48 -1.95 -7.47
C ASN B 74 12.90 -2.50 -7.41
N SER B 75 13.65 -2.36 -8.50
CA SER B 75 15.04 -2.82 -8.51
C SER B 75 15.88 -2.08 -7.47
N LYS B 76 15.62 -0.78 -7.30
CA LYS B 76 16.35 0.02 -6.34
C LYS B 76 15.64 0.13 -5.00
N ASN B 77 14.52 -0.59 -4.83
CA ASN B 77 13.85 -0.74 -3.54
C ASN B 77 13.42 0.61 -2.97
N THR B 78 12.93 1.51 -3.82
CA THR B 78 12.51 2.82 -3.31
C THR B 78 11.18 3.25 -3.92
N LEU B 79 10.53 4.18 -3.20
CA LEU B 79 9.26 4.78 -3.58
C LEU B 79 9.47 6.28 -3.79
N TYR B 80 8.79 6.85 -4.79
CA TYR B 80 8.97 8.23 -5.19
C TYR B 80 7.64 8.96 -5.23
N PHE B 81 7.72 10.26 -4.94
CA PHE B 81 6.56 11.16 -5.00
C PHE B 81 7.05 12.44 -5.67
N GLU B 82 6.78 12.57 -6.97
CA GLU B 82 7.15 13.78 -7.71
C GLU B 82 5.99 14.77 -7.59
N MET B 83 6.15 15.76 -6.72
CA MET B 83 5.15 16.79 -6.52
C MET B 83 5.46 18.00 -7.40
N ASN B 84 4.50 18.35 -8.26
CA ASN B 84 4.61 19.51 -9.15
C ASN B 84 3.55 20.55 -8.81
N SER B 85 3.81 21.79 -9.23
CA SER B 85 2.86 22.90 -9.04
C SER B 85 2.38 23.00 -7.59
N LEU B 86 3.34 23.03 -6.64
CA LEU B 86 2.97 23.11 -5.24
C LEU B 86 2.30 24.44 -4.93
N ARG B 87 1.15 24.36 -4.25
CA ARG B 87 0.44 25.49 -3.67
C ARG B 87 0.70 25.54 -2.17
N PRO B 88 0.59 26.71 -1.54
CA PRO B 88 0.78 26.78 -0.08
C PRO B 88 0.02 25.72 0.70
N GLU B 89 -1.12 25.26 0.18
CA GLU B 89 -1.92 24.26 0.87
C GLU B 89 -1.21 22.92 1.02
N ASP B 90 -0.15 22.67 0.24
CA ASP B 90 0.56 21.40 0.28
C ASP B 90 1.58 21.32 1.39
N THR B 91 1.84 22.41 2.12
CA THR B 91 2.73 22.38 3.26
C THR B 91 2.30 21.31 4.24
N ALA B 92 3.18 20.35 4.50
CA ALA B 92 2.79 19.25 5.37
C ALA B 92 3.98 18.37 5.71
N VAL B 93 3.73 17.44 6.63
CA VAL B 93 4.60 16.29 6.86
C VAL B 93 4.07 15.14 6.03
N TYR B 94 4.93 14.55 5.21
CA TYR B 94 4.56 13.47 4.30
C TYR B 94 5.16 12.17 4.83
N TYR B 95 4.28 11.19 5.05
CA TYR B 95 4.63 9.83 5.40
C TYR B 95 4.37 8.92 4.21
N CYS B 96 5.27 7.97 4.00
CA CYS B 96 5.05 6.86 3.09
C CYS B 96 4.72 5.63 3.91
N VAL B 97 3.67 4.91 3.50
CA VAL B 97 3.08 3.82 4.27
C VAL B 97 3.10 2.58 3.39
N GLY B 98 3.75 1.52 3.86
CA GLY B 98 3.89 0.30 3.09
C GLY B 98 3.12 -0.86 3.72
N GLY B 99 2.62 -1.76 2.87
CA GLY B 99 1.96 -2.93 3.39
C GLY B 99 1.85 -4.07 2.40
N TYR B 100 2.06 -5.31 2.86
CA TYR B 100 1.94 -6.46 1.98
C TYR B 100 0.52 -6.56 1.41
N SER B 101 0.43 -6.88 0.12
CA SER B 101 -0.84 -6.87 -0.60
C SER B 101 -0.91 -7.93 -1.68
N ASN B 102 -2.02 -8.69 -1.69
CA ASN B 102 -2.36 -9.59 -2.78
C ASN B 102 -3.29 -8.92 -3.80
N PHE B 103 -4.18 -8.05 -3.34
CA PHE B 103 -4.99 -7.20 -4.18
C PHE B 103 -4.25 -5.89 -4.42
N TYR B 104 -4.82 -5.06 -5.31
CA TYR B 104 -4.10 -3.91 -5.86
C TYR B 104 -3.48 -3.04 -4.78
N TYR B 105 -4.31 -2.40 -3.96
CA TYR B 105 -3.85 -1.49 -2.92
C TYR B 105 -4.22 -1.96 -1.52
N TYR B 106 -5.10 -2.94 -1.39
CA TYR B 106 -5.58 -3.32 -0.06
C TYR B 106 -4.48 -3.97 0.76
N TYR B 107 -4.38 -3.55 2.02
CA TYR B 107 -3.33 -4.03 2.92
C TYR B 107 -3.93 -4.11 4.32
N THR B 108 -3.26 -4.87 5.20
CA THR B 108 -3.75 -4.99 6.57
C THR B 108 -2.78 -4.40 7.59
N MET B 109 -1.61 -5.00 7.78
CA MET B 109 -0.61 -4.44 8.67
C MET B 109 0.38 -3.67 7.82
N ASP B 110 0.91 -2.59 8.38
CA ASP B 110 1.66 -1.64 7.58
C ASP B 110 2.93 -1.22 8.32
N VAL B 111 3.68 -0.36 7.66
CA VAL B 111 4.88 0.24 8.23
C VAL B 111 5.03 1.64 7.65
N TRP B 112 5.36 2.60 8.52
CA TRP B 112 5.42 4.01 8.14
C TRP B 112 6.85 4.50 8.12
N GLY B 113 7.14 5.40 7.20
CA GLY B 113 8.41 6.09 7.22
C GLY B 113 8.45 7.11 8.35
N GLN B 114 9.66 7.63 8.57
CA GLN B 114 9.87 8.65 9.61
C GLN B 114 8.98 9.85 9.39
N GLY B 115 8.78 10.24 8.13
CA GLY B 115 8.04 11.44 7.82
C GLY B 115 8.98 12.58 7.50
N THR B 116 8.82 13.19 6.33
CA THR B 116 9.65 14.33 5.95
C THR B 116 8.76 15.55 5.73
N THR B 117 9.28 16.73 6.02
CA THR B 117 8.49 17.95 5.97
C THR B 117 8.80 18.73 4.70
N VAL B 118 7.74 19.22 4.04
CA VAL B 118 7.93 20.18 2.96
C VAL B 118 7.05 21.40 3.20
N THR B 119 7.61 22.57 2.88
CA THR B 119 7.03 23.87 3.18
C THR B 119 7.07 24.68 1.88
N VAL B 120 5.91 25.09 1.40
CA VAL B 120 5.82 25.89 0.19
C VAL B 120 5.36 27.29 0.56
N SER B 121 6.14 28.29 0.15
CA SER B 121 5.92 29.65 0.58
C SER B 121 6.72 30.60 -0.29
N SER B 122 6.15 31.78 -0.56
CA SER B 122 6.90 32.85 -1.19
C SER B 122 7.86 33.53 -0.21
N ALA B 123 7.74 33.24 1.08
CA ALA B 123 8.55 33.91 2.08
C ALA B 123 10.02 33.62 1.87
N SER B 124 10.85 34.65 2.02
CA SER B 124 12.29 34.52 1.95
C SER B 124 12.87 34.40 3.36
N THR B 125 13.96 33.63 3.46
CA THR B 125 14.56 33.36 4.76
C THR B 125 14.90 34.66 5.47
N LYS B 126 14.50 34.76 6.73
CA LYS B 126 14.69 35.98 7.49
C LYS B 126 14.89 35.65 8.96
N GLY B 127 15.91 36.24 9.56
CA GLY B 127 16.14 36.11 10.98
C GLY B 127 15.03 36.77 11.77
N PRO B 128 14.93 36.41 13.04
CA PRO B 128 13.87 36.97 13.89
C PRO B 128 14.28 38.23 14.63
N SER B 129 13.31 39.11 14.79
CA SER B 129 13.42 40.25 15.69
C SER B 129 13.06 39.78 17.09
N VAL B 130 13.86 40.16 18.08
CA VAL B 130 13.66 39.71 19.45
C VAL B 130 13.39 40.91 20.34
N PHE B 131 12.23 40.90 21.00
CA PHE B 131 11.79 41.97 21.88
C PHE B 131 11.53 41.44 23.28
N PRO B 132 11.54 42.29 24.31
CA PRO B 132 11.53 41.79 25.69
C PRO B 132 10.15 41.64 26.32
N LEU B 133 9.92 40.54 27.05
CA LEU B 133 8.73 40.38 27.92
C LEU B 133 9.11 41.02 29.23
N ALA B 134 8.84 42.32 29.34
CA ALA B 134 9.17 43.13 30.51
C ALA B 134 8.21 42.85 31.66
N PRO B 135 8.72 42.54 32.84
CA PRO B 135 7.86 42.30 33.99
C PRO B 135 7.55 43.59 34.74
N SER B 136 6.60 43.48 35.65
CA SER B 136 6.19 44.59 36.52
C SER B 136 5.97 44.01 37.91
N SER B 137 5.31 44.77 38.77
CA SER B 137 5.31 44.49 40.21
C SER B 137 4.10 43.68 40.64
N LYS B 138 4.37 42.60 41.39
CA LYS B 138 3.37 41.89 42.20
C LYS B 138 3.85 41.58 43.60
N SER B 139 5.14 41.81 43.90
CA SER B 139 5.86 41.41 45.12
C SER B 139 5.00 40.98 46.31
N GLY B 143 4.45 38.15 45.12
CA GLY B 143 4.81 36.77 44.84
C GLY B 143 5.65 36.59 43.60
N THR B 144 5.04 36.03 42.55
CA THR B 144 5.75 35.65 41.34
C THR B 144 5.28 36.50 40.15
N ALA B 145 6.20 36.80 39.24
CA ALA B 145 5.91 37.56 38.03
C ALA B 145 6.56 36.89 36.83
N ALA B 146 6.06 37.23 35.64
CA ALA B 146 6.45 36.57 34.40
C ALA B 146 7.25 37.53 33.50
N LEU B 147 8.15 36.96 32.69
CA LEU B 147 9.06 37.75 31.85
C LEU B 147 9.79 36.88 30.84
N GLY B 148 10.62 37.53 30.00
CA GLY B 148 11.33 36.80 28.95
C GLY B 148 11.56 37.31 27.53
N CYS B 149 11.29 36.52 26.49
CA CYS B 149 11.51 37.01 25.11
C CYS B 149 10.38 36.73 24.12
N LEU B 150 10.27 37.61 23.11
CA LEU B 150 9.33 37.49 21.97
C LEU B 150 10.11 37.45 20.66
N VAL B 151 9.93 36.37 19.90
CA VAL B 151 10.70 36.08 18.68
C VAL B 151 9.77 36.24 17.49
N LYS B 152 9.98 37.26 16.67
CA LYS B 152 8.98 37.71 15.71
C LYS B 152 9.54 37.81 14.30
N ASP B 153 8.66 37.61 13.32
CA ASP B 153 8.95 37.83 11.90
C ASP B 153 10.21 37.08 11.47
N TYR B 154 10.14 35.76 11.59
CA TYR B 154 11.22 34.89 11.12
C TYR B 154 10.64 33.83 10.20
N PHE B 155 11.51 33.31 9.35
CA PHE B 155 11.16 32.28 8.37
C PHE B 155 12.45 31.66 7.83
N PRO B 156 12.51 30.33 7.69
CA PRO B 156 11.42 29.42 8.06
C PRO B 156 11.62 28.88 9.46
N GLU B 157 10.77 27.94 9.86
CA GLU B 157 10.97 27.26 11.12
C GLU B 157 12.26 26.43 11.05
N PRO B 158 12.87 26.13 12.20
CA PRO B 158 12.49 26.57 13.55
C PRO B 158 13.47 27.56 14.18
N VAL B 159 13.11 27.99 15.38
CA VAL B 159 14.02 28.67 16.29
C VAL B 159 14.13 27.80 17.54
N THR B 160 15.27 27.90 18.21
CA THR B 160 15.42 27.34 19.55
C THR B 160 15.66 28.47 20.53
N VAL B 161 14.90 28.47 21.63
CA VAL B 161 15.00 29.50 22.65
C VAL B 161 15.44 28.85 23.95
N SER B 162 16.57 29.29 24.49
CA SER B 162 17.03 28.83 25.79
C SER B 162 17.02 29.99 26.77
N TRP B 163 17.02 29.64 28.06
CA TRP B 163 16.89 30.64 29.12
C TRP B 163 18.12 30.63 29.99
N ASN B 164 18.79 31.78 30.06
CA ASN B 164 20.05 31.94 30.79
C ASN B 164 21.04 30.87 30.39
N SER B 165 21.15 30.65 29.08
CA SER B 165 22.04 29.64 28.50
C SER B 165 21.82 28.26 29.12
N GLY B 166 20.56 27.93 29.40
CA GLY B 166 20.20 26.64 29.92
C GLY B 166 20.15 26.52 31.43
N ALA B 167 20.68 27.51 32.15
CA ALA B 167 20.68 27.43 33.62
C ALA B 167 19.27 27.53 34.18
N LEU B 168 18.35 28.17 33.45
CA LEU B 168 16.98 28.39 33.90
C LEU B 168 16.05 27.61 32.99
N THR B 169 15.60 26.44 33.47
CA THR B 169 14.70 25.58 32.71
C THR B 169 13.34 25.41 33.35
N SER B 170 13.27 25.34 34.68
CA SER B 170 11.98 25.11 35.32
C SER B 170 11.14 26.38 35.29
N GLY B 171 9.91 26.25 34.80
CA GLY B 171 9.00 27.37 34.74
C GLY B 171 8.91 28.06 33.40
N VAL B 172 9.74 27.67 32.41
CA VAL B 172 9.66 28.28 31.09
C VAL B 172 8.59 27.56 30.28
N HIS B 173 7.94 28.33 29.41
CA HIS B 173 7.09 27.81 28.36
C HIS B 173 7.51 28.48 27.07
N THR B 174 8.01 27.69 26.12
CA THR B 174 8.25 28.19 24.77
C THR B 174 7.02 27.89 23.94
N PHE B 175 6.43 28.91 23.37
CA PHE B 175 5.15 28.54 22.78
C PHE B 175 5.32 28.08 21.34
N PRO B 176 4.39 27.25 20.87
CA PRO B 176 4.37 26.92 19.44
C PRO B 176 4.35 28.17 18.57
N ALA B 177 5.18 28.17 17.53
CA ALA B 177 5.17 29.26 16.58
C ALA B 177 3.79 29.38 15.93
N VAL B 178 3.30 30.60 15.83
CA VAL B 178 2.14 30.92 15.03
C VAL B 178 2.62 31.60 13.76
N LEU B 179 2.03 31.24 12.63
CA LEU B 179 2.46 31.77 11.34
C LEU B 179 1.53 32.92 10.94
N GLN B 180 2.08 34.13 10.89
CA GLN B 180 1.29 35.33 10.69
C GLN B 180 0.88 35.48 9.23
N SER B 181 -0.01 36.43 8.99
CA SER B 181 -0.51 36.69 7.65
C SER B 181 0.60 37.08 6.68
N SER B 182 1.73 37.58 7.20
CA SER B 182 2.87 37.93 6.38
C SER B 182 3.62 36.73 5.82
N GLY B 183 3.26 35.52 6.24
CA GLY B 183 4.03 34.35 5.90
C GLY B 183 5.22 34.11 6.79
N LEU B 184 5.43 34.96 7.79
CA LEU B 184 6.51 34.83 8.75
C LEU B 184 6.00 34.25 10.06
N TYR B 185 6.92 33.66 10.81
CA TYR B 185 6.57 33.03 12.07
C TYR B 185 6.80 33.98 13.24
N SER B 186 6.13 33.67 14.34
CA SER B 186 6.18 34.48 15.54
C SER B 186 5.89 33.54 16.69
N LEU B 187 6.74 33.57 17.71
CA LEU B 187 6.48 32.81 18.92
C LEU B 187 6.96 33.60 20.12
N SER B 188 6.67 33.06 21.29
CA SER B 188 6.97 33.72 22.53
C SER B 188 7.53 32.67 23.49
N SER B 189 8.54 33.05 24.28
CA SER B 189 9.04 32.20 25.33
C SER B 189 9.03 32.95 26.65
N VAL B 190 8.34 32.37 27.63
CA VAL B 190 8.01 33.01 28.88
C VAL B 190 8.59 32.19 30.02
N VAL B 191 8.85 32.84 31.16
CA VAL B 191 9.05 32.11 32.41
C VAL B 191 8.54 32.97 33.57
N THR B 192 7.92 32.30 34.53
CA THR B 192 7.53 32.87 35.80
C THR B 192 8.65 32.66 36.81
N VAL B 193 9.02 33.73 37.51
CA VAL B 193 10.01 33.64 38.59
C VAL B 193 9.61 34.60 39.70
N PRO B 194 10.11 34.36 40.92
CA PRO B 194 9.66 35.17 42.07
C PRO B 194 10.19 36.59 42.02
N SER B 195 9.30 37.55 42.28
CA SER B 195 9.67 38.96 42.37
C SER B 195 10.70 39.23 43.45
N SER B 196 10.92 38.28 44.37
CA SER B 196 11.99 38.44 45.35
C SER B 196 13.34 38.63 44.69
N SER B 197 13.49 38.12 43.47
CA SER B 197 14.78 38.09 42.79
C SER B 197 14.64 38.65 41.39
N LEU B 198 13.88 39.75 41.27
CA LEU B 198 13.80 40.42 39.98
C LEU B 198 15.05 41.27 39.71
N GLY B 199 15.51 42.02 40.70
CA GLY B 199 16.72 42.80 40.58
C GLY B 199 18.00 42.08 40.96
N THR B 200 17.93 40.77 41.21
CA THR B 200 19.12 40.00 41.55
C THR B 200 19.67 39.23 40.34
N GLN B 201 18.87 38.35 39.75
CA GLN B 201 19.34 37.52 38.66
C GLN B 201 18.97 38.13 37.33
N THR B 202 19.98 38.42 36.53
CA THR B 202 19.77 38.86 35.15
C THR B 202 19.18 37.72 34.35
N TYR B 203 18.08 37.99 33.64
CA TYR B 203 17.42 37.00 32.82
C TYR B 203 17.70 37.31 31.36
N ILE B 204 18.35 36.37 30.67
CA ILE B 204 18.76 36.52 29.29
C ILE B 204 18.21 35.35 28.50
N CYS B 205 17.67 35.63 27.33
CA CYS B 205 17.23 34.57 26.43
C CYS B 205 18.16 34.45 25.23
N ASN B 206 18.28 33.22 24.75
CA ASN B 206 19.09 32.87 23.60
C ASN B 206 18.16 32.36 22.51
N VAL B 207 17.96 33.18 21.51
CA VAL B 207 17.19 32.88 20.31
C VAL B 207 18.15 32.37 19.26
N ASN B 208 17.76 31.30 18.56
CA ASN B 208 18.64 30.62 17.62
C ASN B 208 17.86 30.25 16.38
N HIS B 209 17.91 31.11 15.36
CA HIS B 209 17.36 30.79 14.05
C HIS B 209 18.56 30.42 13.18
N LYS B 210 18.87 29.13 13.16
CA LYS B 210 20.04 28.69 12.41
C LYS B 210 19.86 28.75 10.88
N PRO B 211 18.66 28.57 10.31
CA PRO B 211 18.52 28.77 8.85
C PRO B 211 19.03 30.12 8.39
N SER B 212 18.87 31.16 9.19
CA SER B 212 19.49 32.44 8.93
C SER B 212 20.84 32.58 9.61
N ASN B 213 21.23 31.60 10.43
CA ASN B 213 22.30 31.72 11.41
C ASN B 213 22.28 33.11 12.05
N THR B 214 21.15 33.44 12.65
CA THR B 214 21.12 34.56 13.58
C THR B 214 20.90 33.99 14.98
N LYS B 215 21.86 34.27 15.84
CA LYS B 215 21.79 33.97 17.26
C LYS B 215 21.70 35.30 18.00
N VAL B 216 20.72 35.43 18.87
CA VAL B 216 20.42 36.69 19.54
C VAL B 216 20.24 36.42 21.01
N ASP B 217 21.04 37.07 21.84
CA ASP B 217 20.80 37.09 23.27
C ASP B 217 20.12 38.41 23.61
N LYS B 218 18.99 38.34 24.30
CA LYS B 218 18.29 39.52 24.74
C LYS B 218 18.12 39.47 26.26
N ARG B 219 18.58 40.51 26.94
CA ARG B 219 18.39 40.60 28.38
C ARG B 219 17.11 41.36 28.66
N VAL B 220 16.39 40.91 29.69
CA VAL B 220 15.07 41.45 30.00
C VAL B 220 15.06 41.94 31.43
N GLU B 221 14.53 43.13 31.64
CA GLU B 221 14.45 43.74 32.95
C GLU B 221 13.35 44.79 32.92
N PRO B 222 12.81 45.20 34.09
CA PRO B 222 11.73 46.18 34.10
C PRO B 222 12.13 47.53 33.49
N SER C 2 -18.74 10.01 -3.71
CA SER C 2 -19.26 9.67 -2.40
C SER C 2 -18.18 9.05 -1.51
N GLU C 3 -17.25 9.88 -1.03
CA GLU C 3 -16.23 9.39 -0.12
C GLU C 3 -16.86 8.86 1.16
N ILE C 4 -16.26 7.81 1.70
CA ILE C 4 -16.59 7.36 3.05
C ILE C 4 -15.86 8.28 4.03
N VAL C 5 -16.59 8.80 5.01
CA VAL C 5 -16.03 9.70 6.01
C VAL C 5 -16.24 9.08 7.38
N LEU C 6 -15.15 8.97 8.14
CA LEU C 6 -15.21 8.48 9.50
C LEU C 6 -15.24 9.67 10.45
N THR C 7 -16.18 9.66 11.39
CA THR C 7 -16.33 10.72 12.38
C THR C 7 -15.93 10.17 13.73
N GLN C 8 -14.85 10.67 14.31
CA GLN C 8 -14.41 10.24 15.61
C GLN C 8 -15.04 11.09 16.71
N SER C 9 -15.19 10.49 17.89
CA SER C 9 -15.71 11.19 19.04
C SER C 9 -15.23 10.47 20.29
N PRO C 10 -15.08 11.18 21.43
CA PRO C 10 -15.17 12.63 21.56
C PRO C 10 -13.95 13.28 20.93
N ALA C 11 -14.00 14.59 20.68
CA ALA C 11 -12.80 15.26 20.17
C ALA C 11 -11.65 15.11 21.15
N THR C 12 -11.89 15.42 22.42
CA THR C 12 -10.90 15.24 23.48
C THR C 12 -11.48 14.34 24.56
N LEU C 13 -10.72 13.33 24.95
CA LEU C 13 -11.08 12.38 25.98
C LEU C 13 -10.12 12.58 27.14
N SER C 14 -10.62 13.11 28.26
CA SER C 14 -9.80 13.49 29.40
C SER C 14 -9.97 12.46 30.51
N LEU C 15 -8.94 11.65 30.73
CA LEU C 15 -9.00 10.59 31.73
C LEU C 15 -7.76 10.61 32.60
N SER C 16 -7.94 10.23 33.86
CA SER C 16 -6.80 9.99 34.73
C SER C 16 -6.13 8.67 34.32
N PRO C 17 -4.82 8.55 34.53
CA PRO C 17 -4.15 7.27 34.26
C PRO C 17 -4.83 6.13 35.00
N GLY C 18 -4.82 4.95 34.37
CA GLY C 18 -5.44 3.78 34.94
C GLY C 18 -6.93 3.66 34.70
N GLU C 19 -7.58 4.70 34.19
CA GLU C 19 -9.00 4.62 33.88
C GLU C 19 -9.20 3.89 32.54
N ARG C 20 -10.39 3.36 32.36
CA ARG C 20 -10.77 2.73 31.09
C ARG C 20 -11.15 3.80 30.09
N ALA C 21 -10.58 3.71 28.89
CA ALA C 21 -10.86 4.68 27.83
C ALA C 21 -11.59 3.99 26.69
N THR C 22 -12.64 4.63 26.17
CA THR C 22 -13.33 4.14 24.98
C THR C 22 -13.50 5.29 24.00
N LEU C 23 -13.01 5.09 22.78
CA LEU C 23 -13.06 6.07 21.71
C LEU C 23 -13.92 5.52 20.57
N SER C 24 -14.78 6.37 20.00
CA SER C 24 -15.71 5.96 18.97
C SER C 24 -15.29 6.52 17.62
N CYS C 25 -15.52 5.71 16.58
CA CYS C 25 -15.38 6.11 15.19
C CYS C 25 -16.62 5.62 14.46
N ARG C 26 -17.33 6.52 13.80
CA ARG C 26 -18.60 6.18 13.15
C ARG C 26 -18.47 6.38 11.65
N ALA C 27 -18.86 5.37 10.89
CA ALA C 27 -18.59 5.32 9.46
C ALA C 27 -19.77 5.88 8.67
N SER C 28 -19.47 6.74 7.70
CA SER C 28 -20.48 7.30 6.81
C SER C 28 -21.41 6.26 6.23
N GLN C 29 -20.90 5.06 6.02
CA GLN C 29 -21.66 3.94 5.48
C GLN C 29 -20.95 2.67 5.93
N SER C 30 -21.62 1.52 5.79
CA SER C 30 -21.03 0.31 6.31
C SER C 30 -19.75 -0.02 5.57
N ILE C 31 -18.70 -0.35 6.33
CA ILE C 31 -17.41 -0.75 5.82
C ILE C 31 -17.05 -2.15 6.28
N SER C 32 -17.96 -2.77 7.02
CA SER C 32 -18.15 -4.11 7.54
C SER C 32 -17.20 -4.57 8.63
N THR C 33 -15.89 -4.48 8.46
CA THR C 33 -14.96 -4.68 9.57
C THR C 33 -13.64 -4.01 9.22
N PHE C 34 -13.57 -3.38 8.06
CA PHE C 34 -12.29 -2.94 7.51
C PHE C 34 -11.98 -1.56 8.08
N LEU C 35 -11.66 -1.58 9.36
CA LEU C 35 -11.37 -0.39 10.14
C LEU C 35 -10.17 -0.65 11.02
N ALA C 36 -9.27 0.32 11.08
CA ALA C 36 -8.03 0.20 11.81
C ALA C 36 -7.86 1.41 12.71
N TRP C 37 -7.23 1.17 13.86
CA TRP C 37 -6.95 2.19 14.85
C TRP C 37 -5.44 2.38 14.94
N TYR C 38 -5.03 3.64 14.75
CA TYR C 38 -3.66 4.12 14.83
C TYR C 38 -3.49 5.02 16.05
N GLN C 39 -2.31 4.97 16.65
CA GLN C 39 -1.91 5.89 17.70
C GLN C 39 -0.82 6.80 17.16
N HIS C 40 -0.96 8.10 17.40
CA HIS C 40 0.00 9.10 16.94
C HIS C 40 0.45 9.90 18.14
N LYS C 41 1.74 9.78 18.46
CA LYS C 41 2.50 10.59 19.40
C LYS C 41 3.37 11.56 18.61
N PRO C 42 3.46 12.81 19.05
CA PRO C 42 4.16 13.82 18.25
C PRO C 42 5.64 13.50 18.10
N GLY C 43 6.19 13.82 16.94
CA GLY C 43 7.55 13.50 16.59
C GLY C 43 7.73 12.15 15.93
N GLN C 44 6.83 11.21 16.19
CA GLN C 44 6.89 9.88 15.61
C GLN C 44 5.87 9.75 14.50
N ALA C 45 6.02 8.68 13.72
CA ALA C 45 4.99 8.31 12.77
C ALA C 45 3.82 7.66 13.51
N PRO C 46 2.60 7.74 12.96
CA PRO C 46 1.49 6.96 13.51
C PRO C 46 1.86 5.48 13.56
N ARG C 47 1.27 4.78 14.53
CA ARG C 47 1.56 3.37 14.77
C ARG C 47 0.26 2.60 14.78
N LEU C 48 0.14 1.64 13.87
CA LEU C 48 -1.06 0.80 13.82
C LEU C 48 -1.19 -0.01 15.10
N LEU C 49 -2.28 0.22 15.82
CA LEU C 49 -2.59 -0.58 17.00
C LEU C 49 -3.43 -1.80 16.62
N ILE C 50 -4.57 -1.59 15.97
CA ILE C 50 -5.41 -2.72 15.59
C ILE C 50 -5.97 -2.51 14.18
N TYR C 51 -6.39 -3.62 13.58
CA TYR C 51 -6.92 -3.62 12.22
C TYR C 51 -7.98 -4.71 12.09
N ASP C 52 -8.70 -4.68 10.97
CA ASP C 52 -9.91 -5.48 10.76
C ASP C 52 -10.81 -5.41 11.99
N ALA C 53 -10.86 -4.21 12.58
CA ALA C 53 -11.81 -3.75 13.60
C ALA C 53 -11.63 -4.36 14.97
N SER C 54 -10.98 -5.52 15.06
CA SER C 54 -10.77 -6.13 16.37
C SER C 54 -9.46 -6.89 16.48
N THR C 55 -8.67 -7.01 15.43
CA THR C 55 -7.43 -7.77 15.46
C THR C 55 -6.28 -6.85 15.84
N ARG C 56 -5.52 -7.24 16.85
CA ARG C 56 -4.37 -6.45 17.25
C ARG C 56 -3.21 -6.69 16.30
N ALA C 57 -2.48 -5.62 16.01
CA ALA C 57 -1.24 -5.74 15.25
C ALA C 57 -0.14 -6.25 16.16
N THR C 58 0.80 -6.98 15.58
CA THR C 58 1.79 -7.71 16.37
C THR C 58 2.57 -6.75 17.28
N GLY C 59 2.71 -7.15 18.55
CA GLY C 59 3.52 -6.42 19.50
C GLY C 59 2.82 -5.32 20.26
N VAL C 60 1.53 -5.08 20.03
CA VAL C 60 0.81 -4.08 20.81
C VAL C 60 0.24 -4.74 22.05
N PRO C 61 0.15 -4.05 23.18
CA PRO C 61 -0.33 -4.68 24.40
C PRO C 61 -1.80 -5.04 24.31
N ALA C 62 -2.20 -6.00 25.15
CA ALA C 62 -3.57 -6.49 25.16
C ALA C 62 -4.54 -5.49 25.79
N ARG C 63 -4.03 -4.38 26.33
CA ARG C 63 -4.91 -3.29 26.72
C ARG C 63 -5.76 -2.84 25.57
N PHE C 64 -5.15 -2.68 24.39
CA PHE C 64 -5.87 -2.15 23.24
C PHE C 64 -6.82 -3.19 22.69
N SER C 65 -8.07 -2.76 22.49
CA SER C 65 -9.20 -3.65 22.25
C SER C 65 -10.05 -3.04 21.16
N GLY C 66 -10.55 -3.87 20.27
CA GLY C 66 -11.34 -3.41 19.14
C GLY C 66 -12.73 -4.01 19.15
N SER C 67 -13.73 -3.17 18.90
CA SER C 67 -15.11 -3.63 18.85
C SER C 67 -15.83 -2.92 17.71
N ARG C 68 -16.83 -3.60 17.14
CA ARG C 68 -17.62 -3.06 16.05
C ARG C 68 -19.07 -3.47 16.22
N SER C 69 -19.99 -2.51 16.04
CA SER C 69 -21.40 -2.81 15.90
C SER C 69 -21.99 -1.85 14.89
N GLY C 70 -22.51 -2.39 13.79
CA GLY C 70 -23.05 -1.54 12.75
C GLY C 70 -21.96 -0.74 12.10
N THR C 71 -22.18 0.57 11.99
CA THR C 71 -21.17 1.49 11.50
C THR C 71 -20.32 2.06 12.63
N ASP C 72 -20.60 1.69 13.89
CA ASP C 72 -19.94 2.29 15.04
C ASP C 72 -18.83 1.36 15.55
N PHE C 73 -17.60 1.83 15.50
CA PHE C 73 -16.43 1.10 15.97
C PHE C 73 -15.93 1.78 17.24
N THR C 74 -15.42 0.98 18.18
CA THR C 74 -14.89 1.50 19.42
C THR C 74 -13.53 0.88 19.71
N LEU C 75 -12.54 1.73 19.97
CA LEU C 75 -11.26 1.31 20.51
C LEU C 75 -11.31 1.47 22.03
N THR C 76 -10.96 0.42 22.75
CA THR C 76 -11.01 0.43 24.21
C THR C 76 -9.62 0.16 24.78
N ILE C 77 -9.19 1.04 25.68
CA ILE C 77 -7.95 0.87 26.44
C ILE C 77 -8.34 0.46 27.86
N SER C 78 -7.87 -0.73 28.26
CA SER C 78 -8.32 -1.29 29.53
C SER C 78 -7.89 -0.42 30.70
N THR C 79 -6.59 -0.15 30.79
CA THR C 79 -6.03 0.72 31.81
C THR C 79 -5.06 1.67 31.12
N LEU C 80 -5.27 2.97 31.28
CA LEU C 80 -4.40 3.92 30.58
C LEU C 80 -3.04 3.95 31.25
N GLU C 81 -2.01 3.75 30.46
CA GLU C 81 -0.64 3.93 30.93
C GLU C 81 -0.18 5.34 30.60
N PRO C 82 0.88 5.82 31.26
CA PRO C 82 1.44 7.13 30.87
C PRO C 82 1.75 7.21 29.38
N GLU C 83 2.18 6.10 28.77
CA GLU C 83 2.52 6.12 27.36
C GLU C 83 1.31 6.35 26.47
N ASP C 84 0.11 6.00 26.93
CA ASP C 84 -1.05 5.96 26.05
C ASP C 84 -1.72 7.30 25.85
N PHE C 85 -1.19 8.38 26.41
CA PHE C 85 -1.79 9.70 26.20
C PHE C 85 -1.20 10.26 24.92
N ALA C 86 -2.03 10.36 23.89
CA ALA C 86 -1.64 10.65 22.52
C ALA C 86 -2.91 10.90 21.74
N VAL C 87 -2.79 10.99 20.42
CA VAL C 87 -3.95 11.16 19.55
C VAL C 87 -4.23 9.83 18.86
N TYR C 88 -5.49 9.55 18.59
CA TYR C 88 -5.86 8.28 17.98
C TYR C 88 -6.69 8.54 16.72
N TYR C 89 -6.35 7.82 15.66
CA TYR C 89 -6.99 8.00 14.36
C TYR C 89 -7.61 6.69 13.91
N CYS C 90 -8.82 6.74 13.36
CA CYS C 90 -9.32 5.58 12.66
C CYS C 90 -9.07 5.76 11.17
N GLN C 91 -8.90 4.62 10.50
CA GLN C 91 -8.73 4.59 9.05
C GLN C 91 -9.55 3.43 8.54
N GLN C 92 -10.36 3.68 7.53
CA GLN C 92 -11.13 2.62 6.90
C GLN C 92 -10.37 2.12 5.68
N ARG C 93 -10.51 0.83 5.40
CA ARG C 93 -9.91 0.22 4.22
C ARG C 93 -10.95 -0.61 3.50
N TYR C 94 -12.16 -0.04 3.36
CA TYR C 94 -13.32 -0.86 3.02
C TYR C 94 -13.17 -1.48 1.64
N ASN C 95 -13.12 -0.68 0.59
CA ASN C 95 -13.10 -1.27 -0.74
C ASN C 95 -11.84 -0.94 -1.51
N TRP C 96 -11.63 0.34 -1.75
CA TRP C 96 -10.68 0.90 -2.68
C TRP C 96 -10.21 2.20 -2.04
N PRO C 97 -9.03 2.68 -2.38
CA PRO C 97 -8.64 4.00 -1.93
C PRO C 97 -9.63 5.04 -2.41
N PRO C 98 -9.77 6.17 -1.70
CA PRO C 98 -8.92 6.57 -0.58
C PRO C 98 -9.28 5.87 0.72
N TYR C 99 -8.25 5.38 1.41
CA TYR C 99 -8.42 4.75 2.72
C TYR C 99 -8.42 5.87 3.77
N THR C 100 -9.57 6.54 3.84
CA THR C 100 -9.69 7.80 4.56
C THR C 100 -9.42 7.63 6.05
N PHE C 101 -8.92 8.68 6.67
CA PHE C 101 -8.67 8.74 8.10
C PHE C 101 -9.75 9.57 8.81
N GLY C 102 -10.02 9.21 10.05
CA GLY C 102 -10.80 10.08 10.90
C GLY C 102 -10.03 11.33 11.25
N GLN C 103 -10.70 12.25 11.94
CA GLN C 103 -10.06 13.51 12.33
C GLN C 103 -9.35 13.42 13.66
N GLY C 104 -9.38 12.26 14.31
CA GLY C 104 -8.57 12.03 15.50
C GLY C 104 -9.32 12.38 16.77
N THR C 105 -8.99 11.63 17.84
CA THR C 105 -9.44 11.93 19.18
C THR C 105 -8.22 12.09 20.07
N LYS C 106 -8.13 13.21 20.78
CA LYS C 106 -7.03 13.42 21.71
C LYS C 106 -7.41 12.83 23.07
N VAL C 107 -6.54 11.98 23.60
CA VAL C 107 -6.69 11.42 24.93
C VAL C 107 -5.67 12.12 25.83
N GLU C 108 -6.17 12.83 26.84
CA GLU C 108 -5.33 13.66 27.68
C GLU C 108 -5.48 13.24 29.14
N ILE C 109 -4.54 13.72 29.96
CA ILE C 109 -4.55 13.42 31.40
C ILE C 109 -5.55 14.36 32.07
N LYS C 110 -6.46 13.79 32.84
CA LYS C 110 -7.41 14.62 33.56
C LYS C 110 -6.85 14.99 34.92
N ARG C 111 -7.23 16.18 35.38
CA ARG C 111 -6.58 16.85 36.48
C ARG C 111 -7.65 17.59 37.27
N THR C 112 -7.28 18.06 38.46
CA THR C 112 -8.14 18.98 39.18
C THR C 112 -8.11 20.33 38.49
N VAL C 113 -9.25 21.04 38.54
CA VAL C 113 -9.32 22.34 37.89
C VAL C 113 -8.26 23.26 38.50
N ALA C 114 -7.55 23.97 37.63
CA ALA C 114 -6.48 24.87 38.05
C ALA C 114 -6.64 26.18 37.29
N ALA C 115 -6.91 27.26 38.02
CA ALA C 115 -7.12 28.54 37.37
C ALA C 115 -5.81 29.11 36.85
N PRO C 116 -5.85 29.85 35.75
CA PRO C 116 -4.62 30.34 35.14
C PRO C 116 -4.05 31.55 35.86
N SER C 117 -2.74 31.70 35.76
CA SER C 117 -2.10 32.96 36.14
C SER C 117 -2.09 33.85 34.90
N VAL C 118 -2.58 35.07 35.04
CA VAL C 118 -2.79 35.95 33.89
C VAL C 118 -1.80 37.11 33.97
N PHE C 119 -1.15 37.38 32.83
CA PHE C 119 -0.16 38.44 32.72
C PHE C 119 -0.41 39.18 31.40
N ILE C 120 -0.08 40.47 31.39
CA ILE C 120 -0.16 41.27 30.17
C ILE C 120 1.18 41.97 29.98
N PHE C 121 1.60 42.06 28.72
CA PHE C 121 2.91 42.60 28.36
C PHE C 121 2.68 43.65 27.28
N PRO C 122 3.10 44.90 27.49
CA PRO C 122 2.85 45.95 26.50
C PRO C 122 3.90 45.91 25.41
N PRO C 123 3.63 46.49 24.25
CA PRO C 123 4.62 46.47 23.17
C PRO C 123 5.91 47.16 23.62
N SER C 124 7.04 46.56 23.25
CA SER C 124 8.33 47.09 23.65
C SER C 124 8.67 48.35 22.86
N ASP C 125 9.54 49.17 23.46
CA ASP C 125 9.93 50.42 22.83
C ASP C 125 10.65 50.19 21.51
N GLU C 126 11.48 49.14 21.46
N GLU C 126 11.48 49.14 21.46
CA GLU C 126 12.20 48.81 20.23
CA GLU C 126 12.20 48.81 20.23
C GLU C 126 11.23 48.48 19.09
C GLU C 126 11.23 48.47 19.09
N GLN C 127 10.33 47.52 19.34
CA GLN C 127 9.37 47.14 18.33
C GLN C 127 8.47 48.30 17.94
N LEU C 128 8.09 49.13 18.93
CA LEU C 128 7.35 50.35 18.63
C LEU C 128 8.13 51.25 17.69
N LYS C 129 9.43 51.42 17.93
CA LYS C 129 10.29 52.14 17.00
C LYS C 129 10.20 51.56 15.61
N SER C 130 10.18 50.23 15.50
CA SER C 130 10.19 49.60 14.18
C SER C 130 8.90 49.90 13.40
N GLY C 131 7.77 50.02 14.08
CA GLY C 131 6.54 50.44 13.43
C GLY C 131 5.28 49.67 13.77
N THR C 132 5.43 48.53 14.45
CA THR C 132 4.31 47.73 14.88
C THR C 132 4.34 47.60 16.40
N ALA C 133 3.20 47.16 16.95
CA ALA C 133 3.01 47.01 18.39
C ALA C 133 2.34 45.66 18.63
N SER C 134 2.91 44.85 19.52
CA SER C 134 2.33 43.58 19.91
C SER C 134 2.11 43.57 21.41
N VAL C 135 0.83 43.56 21.82
CA VAL C 135 0.47 43.29 23.20
C VAL C 135 0.39 41.78 23.37
N VAL C 136 0.82 41.27 24.53
CA VAL C 136 0.88 39.82 24.76
C VAL C 136 0.21 39.49 26.08
N CYS C 137 -0.88 38.74 26.02
CA CYS C 137 -1.55 38.21 27.21
C CYS C 137 -1.13 36.77 27.40
N LEU C 138 -0.74 36.42 28.62
CA LEU C 138 -0.25 35.10 28.97
C LEU C 138 -1.14 34.48 30.02
N LEU C 139 -1.55 33.24 29.77
CA LEU C 139 -2.25 32.41 30.73
C LEU C 139 -1.32 31.26 31.10
N ASN C 140 -1.06 31.08 32.39
CA ASN C 140 -0.01 30.20 32.85
C ASN C 140 -0.60 29.10 33.71
N ASN C 141 -0.39 27.85 33.28
CA ASN C 141 -0.59 26.65 34.09
C ASN C 141 -2.05 26.53 34.57
N PHE C 142 -2.92 26.30 33.59
CA PHE C 142 -4.34 26.14 33.84
C PHE C 142 -4.83 24.82 33.26
N TYR C 143 -5.80 24.21 33.96
CA TYR C 143 -6.53 23.07 33.46
C TYR C 143 -7.97 23.23 33.90
N PRO C 144 -8.96 22.88 33.06
CA PRO C 144 -8.91 22.34 31.69
C PRO C 144 -8.39 23.34 30.66
N ARG C 145 -8.29 22.92 29.39
CA ARG C 145 -7.75 23.79 28.34
CA ARG C 145 -7.75 23.81 28.37
C ARG C 145 -8.77 24.80 27.83
N GLU C 146 -10.06 24.50 27.92
CA GLU C 146 -11.06 25.45 27.46
C GLU C 146 -10.90 26.76 28.22
N ALA C 147 -10.55 27.81 27.51
CA ALA C 147 -10.27 29.11 28.10
C ALA C 147 -10.56 30.16 27.05
N LYS C 148 -11.11 31.29 27.49
CA LYS C 148 -11.49 32.36 26.57
C LYS C 148 -10.68 33.60 26.89
N VAL C 149 -9.92 34.08 25.91
CA VAL C 149 -9.16 35.32 26.01
C VAL C 149 -9.87 36.35 25.16
N GLN C 150 -10.26 37.48 25.77
CA GLN C 150 -10.91 38.55 25.02
C GLN C 150 -10.10 39.83 25.18
N TRP C 151 -9.65 40.36 24.06
CA TRP C 151 -8.92 41.62 24.05
C TRP C 151 -9.90 42.78 24.05
N LYS C 152 -9.59 43.78 24.87
CA LYS C 152 -10.41 44.98 24.96
C LYS C 152 -9.50 46.19 24.84
N VAL C 153 -9.86 47.04 23.91
CA VAL C 153 -9.22 48.30 23.74
C VAL C 153 -10.01 49.32 24.51
N ASP C 154 -9.94 50.58 24.28
CA ASP C 154 -10.59 51.21 25.44
C ASP C 154 -12.04 50.77 25.67
N ASN C 155 -12.98 51.15 24.81
CA ASN C 155 -14.37 50.73 24.99
C ASN C 155 -14.75 49.62 24.04
N ALA C 156 -13.80 49.08 23.29
CA ALA C 156 -14.07 48.23 22.15
C ALA C 156 -13.52 46.84 22.38
N LEU C 157 -14.27 45.84 21.94
CA LEU C 157 -13.84 44.46 21.98
C LEU C 157 -13.08 44.16 20.70
N GLN C 158 -11.83 43.75 20.83
CA GLN C 158 -11.00 43.53 19.65
C GLN C 158 -11.32 42.18 19.03
N SER C 159 -11.28 42.13 17.70
CA SER C 159 -11.59 40.92 16.95
C SER C 159 -10.70 40.83 15.73
N GLY C 160 -10.37 39.60 15.34
CA GLY C 160 -9.62 39.35 14.13
C GLY C 160 -8.19 39.84 14.11
N ASN C 161 -7.69 40.42 15.20
CA ASN C 161 -6.34 40.96 15.25
C ASN C 161 -5.47 40.24 16.26
N SER C 162 -5.88 39.05 16.70
CA SER C 162 -5.17 38.31 17.72
C SER C 162 -4.73 36.96 17.19
N GLN C 163 -3.78 36.34 17.88
CA GLN C 163 -3.36 34.98 17.58
C GLN C 163 -2.98 34.27 18.88
N GLU C 164 -3.48 33.04 19.04
CA GLU C 164 -3.24 32.24 20.23
C GLU C 164 -2.24 31.12 19.93
N SER C 165 -1.61 30.64 21.00
CA SER C 165 -0.73 29.48 20.93
C SER C 165 -0.78 28.78 22.28
N VAL C 166 -1.00 27.47 22.29
CA VAL C 166 -1.09 26.70 23.52
C VAL C 166 0.02 25.66 23.56
N THR C 167 0.65 25.51 24.71
CA THR C 167 1.63 24.46 24.91
C THR C 167 0.92 23.12 25.08
N GLU C 168 1.68 22.04 24.93
CA GLU C 168 1.07 20.76 25.21
C GLU C 168 1.13 20.48 26.71
N GLN C 169 0.32 19.51 27.14
CA GLN C 169 0.15 19.26 28.57
C GLN C 169 1.50 19.02 29.24
N ASP C 170 1.71 19.73 30.35
CA ASP C 170 3.02 19.73 31.00
C ASP C 170 3.29 18.38 31.63
N SER C 171 4.54 17.90 31.45
CA SER C 171 4.91 16.58 31.92
C SER C 171 4.78 16.42 33.43
N LYS C 172 4.80 17.51 34.19
CA LYS C 172 4.86 17.41 35.65
C LYS C 172 3.52 17.70 36.32
N ASP C 173 2.79 18.73 35.88
CA ASP C 173 1.50 19.06 36.51
C ASP C 173 0.34 18.95 35.54
N SER C 174 0.53 18.34 34.37
CA SER C 174 -0.56 18.01 33.45
C SER C 174 -1.42 19.22 33.11
N THR C 175 -0.78 20.38 32.95
CA THR C 175 -1.49 21.63 32.79
C THR C 175 -1.10 22.29 31.47
N TYR C 176 -1.85 23.32 31.10
CA TYR C 176 -1.67 24.04 29.86
C TYR C 176 -1.28 25.48 30.13
N SER C 177 -0.65 26.10 29.12
CA SER C 177 -0.41 27.54 29.13
C SER C 177 -0.63 28.08 27.73
N LEU C 178 -1.15 29.30 27.65
CA LEU C 178 -1.59 29.91 26.41
C LEU C 178 -0.99 31.30 26.30
N SER C 179 -0.68 31.70 25.07
CA SER C 179 -0.19 33.05 24.79
C SER C 179 -0.98 33.63 23.63
N SER C 180 -1.65 34.75 23.87
CA SER C 180 -2.36 35.50 22.84
C SER C 180 -1.62 36.78 22.57
N THR C 181 -1.22 37.01 21.32
CA THR C 181 -0.60 38.28 20.95
C THR C 181 -1.52 39.02 20.00
N LEU C 182 -1.74 40.29 20.31
CA LEU C 182 -2.56 41.21 19.52
C LEU C 182 -1.61 42.24 18.91
N THR C 183 -1.55 42.29 17.57
CA THR C 183 -0.62 43.17 16.89
C THR C 183 -1.38 44.23 16.11
N LEU C 184 -0.93 45.47 16.24
CA LEU C 184 -1.45 46.62 15.53
C LEU C 184 -0.30 47.39 14.91
N SER C 185 -0.60 48.13 13.84
CA SER C 185 0.33 49.16 13.43
C SER C 185 0.44 50.17 14.56
N LYS C 186 1.66 50.65 14.83
CA LYS C 186 1.85 51.63 15.89
C LYS C 186 0.94 52.84 15.67
N ALA C 187 0.69 53.19 14.41
CA ALA C 187 -0.28 54.23 14.07
C ALA C 187 -1.60 54.00 14.80
N ASP C 188 -2.25 52.87 14.55
CA ASP C 188 -3.50 52.56 15.24
C ASP C 188 -3.28 52.32 16.72
N TYR C 189 -2.11 51.78 17.09
CA TYR C 189 -1.86 51.45 18.49
C TYR C 189 -1.95 52.69 19.38
N GLU C 190 -1.40 53.80 18.91
CA GLU C 190 -1.27 54.97 19.78
C GLU C 190 -2.49 55.89 19.75
N LYS C 191 -3.54 55.55 19.03
CA LYS C 191 -4.80 56.29 19.13
C LYS C 191 -5.69 55.78 20.25
N HIS C 192 -5.24 54.77 21.00
CA HIS C 192 -6.05 54.15 22.05
C HIS C 192 -5.24 54.07 23.33
N LYS C 193 -5.96 54.11 24.46
CA LYS C 193 -5.35 54.31 25.77
C LYS C 193 -5.23 53.02 26.60
N VAL C 194 -6.34 52.34 26.83
CA VAL C 194 -6.39 51.19 27.73
C VAL C 194 -6.35 49.90 26.91
N TYR C 195 -5.39 49.03 27.22
CA TYR C 195 -5.30 47.72 26.60
C TYR C 195 -5.47 46.67 27.68
N ALA C 196 -6.40 45.75 27.48
CA ALA C 196 -6.71 44.76 28.49
C ALA C 196 -6.93 43.42 27.83
N CYS C 197 -6.60 42.36 28.54
CA CYS C 197 -7.11 41.04 28.19
C CYS C 197 -7.92 40.54 29.37
N GLU C 198 -9.11 40.02 29.08
CA GLU C 198 -9.98 39.48 30.10
C GLU C 198 -10.17 38.00 29.82
N VAL C 199 -9.88 37.20 30.85
CA VAL C 199 -9.77 35.75 30.74
C VAL C 199 -10.94 35.14 31.47
N THR C 200 -11.64 34.24 30.78
CA THR C 200 -12.66 33.39 31.35
C THR C 200 -12.14 31.96 31.40
N HIS C 201 -12.22 31.35 32.57
CA HIS C 201 -11.79 29.98 32.76
C HIS C 201 -12.59 29.37 33.89
N GLN C 202 -12.70 28.04 33.86
CA GLN C 202 -13.47 27.32 34.87
C GLN C 202 -12.95 27.57 36.27
N GLY C 203 -11.63 27.74 36.43
CA GLY C 203 -11.05 27.98 37.72
C GLY C 203 -11.27 29.37 38.27
N LEU C 204 -11.92 30.26 37.53
CA LEU C 204 -12.13 31.64 37.95
C LEU C 204 -13.61 31.88 38.20
N SER C 205 -13.95 32.27 39.44
CA SER C 205 -15.35 32.48 39.81
C SER C 205 -16.02 33.54 38.96
N SER C 206 -15.23 34.41 38.34
CA SER C 206 -15.70 35.44 37.41
C SER C 206 -14.45 35.91 36.67
N PRO C 207 -14.55 36.40 35.44
CA PRO C 207 -13.35 36.59 34.62
C PRO C 207 -12.37 37.55 35.28
N VAL C 208 -11.09 37.37 34.96
CA VAL C 208 -10.05 38.26 35.50
C VAL C 208 -9.47 39.05 34.34
N THR C 209 -9.35 40.36 34.53
CA THR C 209 -8.83 41.26 33.51
C THR C 209 -7.47 41.78 33.94
N LYS C 210 -6.57 41.88 32.96
CA LYS C 210 -5.25 42.47 33.15
C LYS C 210 -5.10 43.57 32.10
N SER C 211 -4.86 44.80 32.56
CA SER C 211 -4.82 45.95 31.66
C SER C 211 -3.62 46.83 31.95
N PHE C 212 -3.37 47.74 31.01
CA PHE C 212 -2.41 48.82 31.19
C PHE C 212 -2.89 50.02 30.38
N ASN C 213 -2.38 51.19 30.77
CA ASN C 213 -2.60 52.41 30.02
C ASN C 213 -1.31 52.77 29.28
N ARG C 214 -1.47 53.24 28.04
CA ARG C 214 -0.34 53.36 27.13
C ARG C 214 0.66 54.41 27.63
N GLY C 215 1.94 54.04 27.61
CA GLY C 215 3.02 54.97 27.87
C GLY C 215 3.49 55.03 29.31
N GLU C 216 2.74 54.49 30.26
CA GLU C 216 3.05 54.63 31.67
C GLU C 216 4.02 53.54 32.15
C1 NAG D . 30.70 -15.63 -50.18
C2 NAG D . 31.88 -16.48 -50.75
C3 NAG D . 33.09 -16.42 -49.81
C4 NAG D . 33.47 -14.97 -49.55
C5 NAG D . 32.29 -14.29 -48.88
C6 NAG D . 32.57 -12.85 -48.51
C7 NAG D . 31.92 -18.61 -51.98
C8 NAG D . 32.85 -17.93 -52.96
N2 NAG D . 31.48 -17.86 -50.97
O3 NAG D . 34.19 -17.12 -50.38
O4 NAG D . 34.69 -14.84 -48.83
O5 NAG D . 31.19 -14.28 -49.79
O6 NAG D . 31.73 -12.43 -47.43
O7 NAG D . 31.57 -19.78 -52.12
C1 NAG D . 34.72 -15.40 -47.49
C2 NAG D . 35.83 -16.44 -47.39
C3 NAG D . 36.48 -16.35 -46.02
C4 NAG D . 37.21 -15.02 -45.92
C5 NAG D . 36.24 -13.87 -46.18
C6 NAG D . 36.66 -12.99 -47.33
C7 NAG D . 35.93 -18.58 -48.57
C8 NAG D . 37.09 -18.00 -49.33
N2 NAG D . 35.36 -17.79 -47.67
O3 NAG D . 37.39 -17.44 -45.83
O4 NAG D . 37.84 -14.87 -44.65
O5 NAG D . 34.90 -14.35 -46.46
O6 NAG D . 35.63 -12.08 -47.71
O7 NAG D . 35.51 -19.72 -48.80
C1 BMA D . 39.26 -14.92 -44.90
C2 BMA D . 39.85 -13.53 -44.58
C3 BMA D . 40.47 -13.58 -43.18
C4 BMA D . 41.64 -14.59 -43.10
C5 BMA D . 41.32 -15.83 -43.97
C6 BMA D . 41.83 -17.20 -43.44
O2 BMA D . 38.84 -12.51 -44.60
O3 BMA D . 39.48 -13.88 -42.18
O4 BMA D . 42.84 -13.98 -43.57
O5 BMA D . 39.88 -15.93 -44.10
O6 BMA D . 42.73 -17.82 -44.41
C1 MAN D . 42.19 -18.93 -45.21
C2 MAN D . 40.88 -18.42 -45.92
C3 MAN D . 39.86 -19.51 -46.09
C4 MAN D . 40.56 -20.80 -46.45
C5 MAN D . 41.30 -21.29 -45.19
C6 MAN D . 42.34 -22.36 -45.50
O2 MAN D . 41.19 -17.99 -47.22
O3 MAN D . 38.91 -19.18 -47.09
O4 MAN D . 39.60 -21.77 -46.85
O5 MAN D . 41.95 -20.16 -44.46
O6 MAN D . 41.79 -23.19 -46.53
C1 FUC D . 31.21 -11.16 -47.87
C2 FUC D . 29.66 -11.14 -47.73
C3 FUC D . 29.12 -9.94 -48.50
C4 FUC D . 30.18 -8.77 -48.61
C5 FUC D . 31.15 -8.76 -47.37
C6 FUC D . 32.30 -7.74 -47.48
O2 FUC D . 29.23 -11.13 -46.36
O3 FUC D . 28.74 -10.34 -49.82
O4 FUC D . 30.93 -8.83 -49.86
O5 FUC D . 31.76 -10.07 -47.11
S SO4 E . 22.47 -12.64 -81.26
O1 SO4 E . 23.43 -12.86 -82.35
O2 SO4 E . 21.20 -12.13 -81.79
O3 SO4 E . 23.03 -11.67 -80.31
O4 SO4 E . 22.25 -13.90 -80.54
S SO4 F . 13.38 -22.84 -54.49
O1 SO4 F . 13.13 -22.34 -55.85
O2 SO4 F . 14.79 -23.22 -54.37
O3 SO4 F . 12.53 -24.03 -54.23
O4 SO4 F . 13.08 -21.79 -53.49
C1 GOL G . 27.65 -16.88 -75.61
O1 GOL G . 26.77 -17.98 -75.77
C2 GOL G . 28.41 -17.06 -74.24
O2 GOL G . 29.14 -15.90 -73.88
C3 GOL G . 29.33 -18.34 -74.40
O3 GOL G . 28.53 -19.40 -74.89
C1 GOL H . 27.20 -9.84 -53.93
O1 GOL H . 27.47 -11.06 -54.54
C2 GOL H . 28.57 -9.24 -53.53
O2 GOL H . 29.27 -10.08 -52.65
C3 GOL H . 29.35 -9.01 -54.85
O3 GOL H . 30.59 -8.50 -54.48
C1 GOL I . 22.10 -18.41 -36.95
O1 GOL I . 23.05 -17.99 -36.03
C2 GOL I . 21.09 -19.30 -36.19
O2 GOL I . 20.24 -18.54 -35.40
C3 GOL I . 20.34 -20.09 -37.30
O3 GOL I . 19.67 -21.13 -36.66
S SO4 J . 0.23 -6.95 -6.24
O1 SO4 J . -0.76 -7.74 -7.01
O2 SO4 J . 1.07 -6.17 -7.15
O3 SO4 J . 1.07 -7.88 -5.46
O4 SO4 J . -0.48 -6.04 -5.32
S SO4 K . 2.69 33.52 20.08
O1 SO4 K . 3.19 34.44 19.03
O2 SO4 K . 3.45 32.25 20.03
O3 SO4 K . 1.24 33.30 19.88
O4 SO4 K . 2.85 34.12 21.42
C1 GOL L . 6.12 20.95 29.08
O1 GOL L . 5.31 19.91 28.61
C2 GOL L . 5.49 22.31 28.62
O2 GOL L . 4.52 22.80 29.51
C3 GOL L . 6.70 23.29 28.47
O3 GOL L . 6.26 24.40 27.71
#